data_2EP2
#
_entry.id   2EP2
#
loop_
_entity.id
_entity.type
_entity.pdbx_description
1 polymer 'Zinc finger protein 484'
2 non-polymer 'ZINC ION'
#
_entity_poly.entity_id   1
_entity_poly.type   'polypeptide(L)'
_entity_poly.pdbx_seq_one_letter_code
;GSSGSSGTGEKPYECSICGKSFTKKSQLHVHQQIHTGEKPSGPSSG
;
_entity_poly.pdbx_strand_id   A
#
loop_
_chem_comp.id
_chem_comp.type
_chem_comp.name
_chem_comp.formula
ZN non-polymer 'ZINC ION' 'Zn 2'
#
# COMPACT_ATOMS: atom_id res chain seq x y z
N GLY A 1 11.90 7.11 -2.86
CA GLY A 1 11.42 8.20 -3.68
C GLY A 1 12.03 8.19 -5.07
N SER A 2 11.88 9.30 -5.78
CA SER A 2 12.42 9.41 -7.13
C SER A 2 12.73 10.86 -7.47
N SER A 3 13.52 11.06 -8.53
CA SER A 3 13.89 12.40 -8.96
C SER A 3 13.15 12.79 -10.23
N GLY A 4 12.10 13.59 -10.08
CA GLY A 4 11.32 14.02 -11.23
C GLY A 4 10.22 14.99 -10.85
N SER A 5 9.09 14.45 -10.39
CA SER A 5 7.96 15.27 -10.00
C SER A 5 7.81 15.31 -8.48
N SER A 6 8.94 15.41 -7.78
CA SER A 6 8.94 15.46 -6.33
C SER A 6 8.36 16.77 -5.82
N GLY A 7 7.89 16.77 -4.58
CA GLY A 7 7.32 17.97 -4.00
C GLY A 7 6.10 18.45 -4.75
N THR A 8 5.06 17.61 -4.79
CA THR A 8 3.83 17.95 -5.49
C THR A 8 2.63 17.85 -4.55
N GLY A 9 2.52 16.72 -3.85
CA GLY A 9 1.42 16.52 -2.94
C GLY A 9 0.62 15.27 -3.25
N GLU A 10 1.34 14.15 -3.43
CA GLU A 10 0.69 12.88 -3.74
C GLU A 10 -0.55 12.68 -2.88
N LYS A 11 -1.43 11.78 -3.32
CA LYS A 11 -2.67 11.49 -2.59
C LYS A 11 -2.43 11.55 -1.08
N PRO A 12 -3.50 11.85 -0.33
CA PRO A 12 -3.43 11.94 1.13
C PRO A 12 -3.22 10.58 1.79
N TYR A 13 -3.44 9.52 1.03
CA TYR A 13 -3.27 8.16 1.55
C TYR A 13 -2.27 7.38 0.70
N GLU A 14 -1.09 7.15 1.26
CA GLU A 14 -0.04 6.41 0.57
C GLU A 14 0.45 5.23 1.40
N CYS A 15 0.37 4.04 0.82
CA CYS A 15 0.81 2.83 1.51
C CYS A 15 2.31 2.86 1.76
N SER A 16 2.74 2.20 2.83
CA SER A 16 4.15 2.15 3.18
C SER A 16 4.75 0.79 2.85
N ILE A 17 3.91 -0.25 2.88
CA ILE A 17 4.35 -1.60 2.59
C ILE A 17 4.87 -1.71 1.16
N CYS A 18 4.04 -1.30 0.21
CA CYS A 18 4.42 -1.36 -1.20
C CYS A 18 4.80 0.03 -1.72
N GLY A 19 4.00 1.03 -1.35
CA GLY A 19 4.27 2.39 -1.78
C GLY A 19 3.18 2.93 -2.68
N LYS A 20 2.07 2.21 -2.78
CA LYS A 20 0.95 2.63 -3.61
C LYS A 20 0.27 3.86 -3.04
N SER A 21 -0.69 4.41 -3.78
CA SER A 21 -1.41 5.60 -3.35
C SER A 21 -2.90 5.47 -3.67
N PHE A 22 -3.74 6.05 -2.82
CA PHE A 22 -5.18 5.99 -3.02
C PHE A 22 -5.83 7.34 -2.65
N THR A 23 -6.79 7.76 -3.47
CA THR A 23 -7.49 9.02 -3.23
C THR A 23 -8.63 8.84 -2.24
N LYS A 24 -8.99 7.58 -1.97
CA LYS A 24 -10.07 7.27 -1.04
C LYS A 24 -9.56 6.40 0.10
N LYS A 25 -9.52 6.96 1.31
CA LYS A 25 -9.07 6.23 2.49
C LYS A 25 -9.53 4.78 2.44
N SER A 26 -10.84 4.58 2.30
CA SER A 26 -11.42 3.24 2.24
C SER A 26 -10.58 2.33 1.34
N GLN A 27 -10.33 2.80 0.11
CA GLN A 27 -9.54 2.02 -0.85
C GLN A 27 -8.27 1.48 -0.20
N LEU A 28 -7.55 2.36 0.49
CA LEU A 28 -6.31 1.97 1.16
C LEU A 28 -6.56 0.88 2.18
N HIS A 29 -7.55 1.10 3.05
CA HIS A 29 -7.90 0.14 4.08
C HIS A 29 -8.02 -1.27 3.49
N VAL A 30 -8.85 -1.41 2.46
CA VAL A 30 -9.05 -2.70 1.82
C VAL A 30 -7.77 -3.18 1.15
N HIS A 31 -7.08 -2.26 0.46
CA HIS A 31 -5.84 -2.60 -0.23
C HIS A 31 -4.85 -3.27 0.73
N GLN A 32 -4.60 -2.61 1.86
CA GLN A 32 -3.67 -3.14 2.86
C GLN A 32 -3.82 -4.64 3.00
N GLN A 33 -5.07 -5.13 2.88
CA GLN A 33 -5.35 -6.55 3.00
C GLN A 33 -4.42 -7.37 2.11
N ILE A 34 -4.26 -6.92 0.87
CA ILE A 34 -3.40 -7.62 -0.08
C ILE A 34 -2.08 -8.00 0.56
N HIS A 35 -1.67 -7.26 1.58
CA HIS A 35 -0.43 -7.53 2.29
C HIS A 35 -0.68 -8.41 3.51
N THR A 36 -1.49 -9.44 3.33
CA THR A 36 -1.82 -10.36 4.42
C THR A 36 -1.12 -11.70 4.22
N GLY A 37 0.14 -11.66 3.77
CA GLY A 37 0.89 -12.87 3.56
C GLY A 37 2.34 -12.75 3.99
N GLU A 38 3.12 -12.01 3.21
CA GLU A 38 4.54 -11.82 3.51
C GLU A 38 4.71 -11.22 4.90
N LYS A 39 5.55 -11.84 5.72
CA LYS A 39 5.80 -11.37 7.07
C LYS A 39 7.30 -11.24 7.33
N PRO A 40 7.68 -10.22 8.11
CA PRO A 40 9.08 -9.95 8.44
C PRO A 40 9.67 -11.00 9.37
N SER A 41 8.79 -11.65 10.14
CA SER A 41 9.22 -12.68 11.09
C SER A 41 9.33 -14.04 10.39
N GLY A 42 10.47 -14.71 10.61
CA GLY A 42 10.69 -16.01 9.99
C GLY A 42 10.09 -17.14 10.81
N PRO A 43 10.74 -17.45 11.95
CA PRO A 43 10.29 -18.52 12.84
C PRO A 43 8.99 -18.18 13.56
N SER A 44 8.15 -19.18 13.77
CA SER A 44 6.87 -18.98 14.44
C SER A 44 7.04 -18.97 15.95
N SER A 45 6.89 -17.80 16.55
CA SER A 45 7.03 -17.66 18.00
C SER A 45 6.22 -18.73 18.73
N GLY A 46 6.72 -19.14 19.90
CA GLY A 46 6.02 -20.15 20.67
C GLY A 46 4.82 -19.60 21.41
ZN ZN B . 0.37 -1.57 -0.12
N GLY A 1 15.61 25.19 9.15
CA GLY A 1 14.90 24.16 8.41
C GLY A 1 13.54 24.64 7.93
N SER A 2 13.55 25.67 7.07
CA SER A 2 12.31 26.22 6.54
C SER A 2 11.86 25.46 5.29
N SER A 3 11.02 24.45 5.49
CA SER A 3 10.52 23.65 4.39
C SER A 3 9.13 23.09 4.69
N GLY A 4 8.13 23.56 3.95
CA GLY A 4 6.77 23.10 4.16
C GLY A 4 6.17 22.51 2.91
N SER A 5 4.94 22.01 3.03
CA SER A 5 4.25 21.40 1.90
C SER A 5 2.78 21.82 1.87
N SER A 6 2.35 22.39 0.76
CA SER A 6 0.97 22.85 0.60
C SER A 6 0.55 22.81 -0.86
N GLY A 7 -0.76 22.68 -1.09
CA GLY A 7 -1.27 22.64 -2.45
C GLY A 7 -1.56 21.23 -2.91
N THR A 8 -2.62 21.06 -3.69
CA THR A 8 -3.01 19.76 -4.19
C THR A 8 -1.92 19.17 -5.08
N GLY A 9 -1.49 17.95 -4.74
CA GLY A 9 -0.45 17.29 -5.51
C GLY A 9 -0.38 15.81 -5.25
N GLU A 10 0.40 15.42 -4.24
CA GLU A 10 0.55 14.02 -3.89
C GLU A 10 -0.72 13.49 -3.21
N LYS A 11 -1.01 12.21 -3.43
CA LYS A 11 -2.20 11.59 -2.84
C LYS A 11 -2.14 11.66 -1.32
N PRO A 12 -3.32 11.80 -0.70
CA PRO A 12 -3.44 11.88 0.76
C PRO A 12 -3.12 10.55 1.44
N TYR A 13 -3.67 9.46 0.90
CA TYR A 13 -3.45 8.14 1.46
C TYR A 13 -2.41 7.38 0.64
N GLU A 14 -1.37 6.90 1.31
CA GLU A 14 -0.31 6.15 0.64
C GLU A 14 0.16 4.99 1.50
N CYS A 15 0.33 3.82 0.89
CA CYS A 15 0.76 2.63 1.60
C CYS A 15 2.27 2.69 1.87
N SER A 16 2.71 1.95 2.90
CA SER A 16 4.12 1.92 3.27
C SER A 16 4.73 0.58 2.91
N ILE A 17 3.92 -0.47 2.94
CA ILE A 17 4.41 -1.81 2.63
C ILE A 17 4.97 -1.87 1.22
N CYS A 18 4.15 -1.48 0.24
CA CYS A 18 4.57 -1.49 -1.16
C CYS A 18 4.93 -0.08 -1.63
N GLY A 19 4.10 0.88 -1.27
CA GLY A 19 4.33 2.26 -1.65
C GLY A 19 3.29 2.78 -2.64
N LYS A 20 2.09 2.22 -2.56
CA LYS A 20 1.00 2.63 -3.44
C LYS A 20 0.33 3.90 -2.92
N SER A 21 -0.63 4.40 -3.69
CA SER A 21 -1.35 5.62 -3.31
C SER A 21 -2.82 5.52 -3.68
N PHE A 22 -3.69 6.01 -2.81
CA PHE A 22 -5.12 5.97 -3.05
C PHE A 22 -5.78 7.29 -2.63
N THR A 23 -6.83 7.68 -3.34
CA THR A 23 -7.55 8.90 -3.04
C THR A 23 -8.82 8.63 -2.25
N LYS A 24 -8.89 7.46 -1.63
CA LYS A 24 -10.04 7.07 -0.83
C LYS A 24 -9.62 6.24 0.37
N LYS A 25 -9.80 6.80 1.56
CA LYS A 25 -9.45 6.11 2.79
C LYS A 25 -9.80 4.63 2.71
N SER A 26 -10.98 4.34 2.17
CA SER A 26 -11.44 2.96 2.03
C SER A 26 -10.50 2.16 1.13
N GLN A 27 -10.09 2.78 0.03
CA GLN A 27 -9.20 2.13 -0.93
C GLN A 27 -7.93 1.64 -0.24
N LEU A 28 -7.34 2.50 0.59
CA LEU A 28 -6.12 2.16 1.31
C LEU A 28 -6.37 1.04 2.30
N HIS A 29 -7.34 1.24 3.19
CA HIS A 29 -7.69 0.24 4.20
C HIS A 29 -7.91 -1.12 3.55
N VAL A 30 -8.69 -1.15 2.48
CA VAL A 30 -8.97 -2.39 1.77
C VAL A 30 -7.73 -2.93 1.08
N HIS A 31 -6.89 -2.02 0.57
CA HIS A 31 -5.67 -2.40 -0.12
C HIS A 31 -4.74 -3.17 0.81
N GLN A 32 -4.55 -2.63 2.02
CA GLN A 32 -3.69 -3.26 3.01
C GLN A 32 -3.94 -4.77 3.08
N GLN A 33 -5.18 -5.16 2.81
CA GLN A 33 -5.55 -6.57 2.85
C GLN A 33 -4.66 -7.40 1.92
N ILE A 34 -4.35 -6.84 0.76
CA ILE A 34 -3.51 -7.52 -0.21
C ILE A 34 -2.20 -7.99 0.43
N HIS A 35 -1.81 -7.33 1.51
CA HIS A 35 -0.59 -7.68 2.22
C HIS A 35 -0.87 -8.71 3.31
N THR A 36 -1.93 -8.49 4.07
CA THR A 36 -2.31 -9.39 5.15
C THR A 36 -3.43 -10.32 4.71
N GLY A 37 -3.08 -11.38 3.99
CA GLY A 37 -4.07 -12.33 3.53
C GLY A 37 -3.94 -13.69 4.19
N GLU A 38 -4.07 -13.71 5.51
CA GLU A 38 -3.96 -14.95 6.26
C GLU A 38 -5.25 -15.24 7.03
N LYS A 39 -6.16 -15.96 6.39
CA LYS A 39 -7.44 -16.30 7.01
C LYS A 39 -7.23 -17.12 8.28
N PRO A 40 -8.09 -16.91 9.28
CA PRO A 40 -8.02 -17.61 10.56
C PRO A 40 -8.38 -19.09 10.43
N SER A 41 -8.31 -19.81 11.54
CA SER A 41 -8.64 -21.23 11.55
C SER A 41 -10.13 -21.46 11.32
N GLY A 42 -10.45 -22.08 10.19
CA GLY A 42 -11.85 -22.34 9.87
C GLY A 42 -12.54 -21.13 9.27
N PRO A 43 -12.34 -20.91 7.97
CA PRO A 43 -12.94 -19.78 7.25
C PRO A 43 -14.45 -19.94 7.10
N SER A 44 -14.89 -21.15 6.77
CA SER A 44 -16.31 -21.43 6.58
C SER A 44 -16.94 -20.42 5.62
N SER A 45 -16.24 -20.15 4.52
CA SER A 45 -16.74 -19.19 3.53
C SER A 45 -18.25 -19.30 3.38
N GLY A 46 -18.95 -18.24 3.81
CA GLY A 46 -20.40 -18.23 3.72
C GLY A 46 -20.97 -16.83 3.73
ZN ZN B . 0.61 -1.78 -0.12
N GLY A 1 21.22 10.74 -13.18
CA GLY A 1 22.14 9.69 -12.81
C GLY A 1 21.65 8.90 -11.60
N SER A 2 21.30 9.60 -10.54
CA SER A 2 20.82 8.96 -9.32
C SER A 2 19.32 9.18 -9.15
N SER A 3 18.68 8.28 -8.41
CA SER A 3 17.24 8.36 -8.17
C SER A 3 16.84 7.54 -6.96
N GLY A 4 15.82 8.00 -6.24
CA GLY A 4 15.35 7.28 -5.06
C GLY A 4 14.33 8.08 -4.27
N SER A 5 14.53 8.16 -2.96
CA SER A 5 13.62 8.88 -2.09
C SER A 5 13.42 10.32 -2.58
N SER A 6 12.27 10.57 -3.20
CA SER A 6 11.97 11.90 -3.73
C SER A 6 10.54 12.31 -3.36
N GLY A 7 10.40 12.90 -2.18
CA GLY A 7 9.09 13.34 -1.72
C GLY A 7 8.17 12.18 -1.40
N THR A 8 7.27 12.39 -0.45
CA THR A 8 6.33 11.35 -0.06
C THR A 8 5.03 11.44 -0.85
N GLY A 9 5.16 11.55 -2.17
CA GLY A 9 3.99 11.64 -3.02
C GLY A 9 3.08 12.80 -2.64
N GLU A 10 2.20 13.18 -3.56
CA GLU A 10 1.27 14.28 -3.31
C GLU A 10 -0.16 13.77 -3.18
N LYS A 11 -0.32 12.64 -2.49
CA LYS A 11 -1.63 12.05 -2.29
C LYS A 11 -1.98 11.99 -0.81
N PRO A 12 -3.28 12.03 -0.50
CA PRO A 12 -3.77 11.98 0.89
C PRO A 12 -3.57 10.62 1.52
N TYR A 13 -3.49 9.58 0.69
CA TYR A 13 -3.29 8.22 1.17
C TYR A 13 -2.20 7.51 0.38
N GLU A 14 -1.19 7.01 1.10
CA GLU A 14 -0.08 6.31 0.46
C GLU A 14 0.39 5.14 1.34
N CYS A 15 0.49 3.96 0.73
CA CYS A 15 0.92 2.77 1.44
C CYS A 15 2.44 2.78 1.63
N SER A 16 2.89 2.13 2.69
CA SER A 16 4.33 2.05 2.98
C SER A 16 4.89 0.68 2.61
N ILE A 17 4.05 -0.35 2.76
CA ILE A 17 4.47 -1.71 2.44
C ILE A 17 4.92 -1.83 0.99
N CYS A 18 4.02 -1.50 0.07
CA CYS A 18 4.33 -1.57 -1.35
C CYS A 18 4.75 -0.19 -1.88
N GLY A 19 3.99 0.83 -1.51
CA GLY A 19 4.29 2.18 -1.96
C GLY A 19 3.25 2.72 -2.92
N LYS A 20 2.02 2.24 -2.78
CA LYS A 20 0.92 2.68 -3.63
C LYS A 20 0.27 3.95 -3.08
N SER A 21 -0.65 4.51 -3.86
CA SER A 21 -1.34 5.73 -3.45
C SER A 21 -2.82 5.66 -3.81
N PHE A 22 -3.67 6.10 -2.89
CA PHE A 22 -5.12 6.08 -3.11
C PHE A 22 -5.73 7.44 -2.77
N THR A 23 -7.02 7.59 -3.07
CA THR A 23 -7.72 8.83 -2.80
C THR A 23 -8.96 8.58 -1.94
N LYS A 24 -9.23 7.31 -1.64
CA LYS A 24 -10.38 6.94 -0.84
C LYS A 24 -9.97 6.05 0.33
N LYS A 25 -10.18 6.55 1.55
CA LYS A 25 -9.83 5.81 2.75
C LYS A 25 -10.14 4.32 2.58
N SER A 26 -11.34 4.03 2.07
CA SER A 26 -11.75 2.65 1.86
C SER A 26 -10.75 1.90 1.00
N GLN A 27 -10.42 2.47 -0.15
CA GLN A 27 -9.47 1.86 -1.07
C GLN A 27 -8.20 1.43 -0.34
N LEU A 28 -7.64 2.34 0.44
CA LEU A 28 -6.43 2.07 1.19
C LEU A 28 -6.67 0.98 2.23
N HIS A 29 -7.70 1.16 3.05
CA HIS A 29 -8.04 0.20 4.08
C HIS A 29 -8.12 -1.21 3.50
N VAL A 30 -8.90 -1.37 2.45
CA VAL A 30 -9.06 -2.67 1.79
C VAL A 30 -7.76 -3.12 1.14
N HIS A 31 -7.04 -2.16 0.55
CA HIS A 31 -5.78 -2.46 -0.12
C HIS A 31 -4.80 -3.12 0.84
N GLN A 32 -4.56 -2.46 1.98
CA GLN A 32 -3.64 -2.98 2.98
C GLN A 32 -3.80 -4.49 3.14
N GLN A 33 -5.04 -4.96 3.08
CA GLN A 33 -5.33 -6.39 3.21
C GLN A 33 -4.41 -7.22 2.32
N ILE A 34 -4.23 -6.77 1.08
CA ILE A 34 -3.37 -7.47 0.14
C ILE A 34 -2.08 -7.92 0.80
N HIS A 35 -1.62 -7.14 1.78
CA HIS A 35 -0.39 -7.47 2.50
C HIS A 35 -0.70 -8.22 3.79
N THR A 36 -1.67 -9.12 3.73
CA THR A 36 -2.07 -9.91 4.90
C THR A 36 -1.19 -11.15 5.04
N GLY A 37 -0.87 -11.50 6.28
CA GLY A 37 -0.03 -12.67 6.53
C GLY A 37 -0.83 -13.96 6.49
N GLU A 38 -0.50 -14.88 7.40
CA GLU A 38 -1.19 -16.16 7.46
C GLU A 38 -2.70 -15.97 7.44
N LYS A 39 -3.41 -16.94 6.87
CA LYS A 39 -4.86 -16.88 6.78
C LYS A 39 -5.50 -16.89 8.17
N PRO A 40 -6.69 -16.29 8.28
CA PRO A 40 -7.41 -16.22 9.55
C PRO A 40 -7.95 -17.57 9.99
N SER A 41 -7.15 -18.31 10.74
CA SER A 41 -7.56 -19.63 11.22
C SER A 41 -7.16 -19.83 12.68
N GLY A 42 -7.44 -21.01 13.21
CA GLY A 42 -7.11 -21.30 14.59
C GLY A 42 -6.73 -22.75 14.81
N PRO A 43 -7.72 -23.57 15.19
CA PRO A 43 -7.51 -25.01 15.44
C PRO A 43 -7.23 -25.78 14.16
N SER A 44 -6.41 -26.82 14.27
CA SER A 44 -6.06 -27.65 13.11
C SER A 44 -7.11 -28.73 12.88
N SER A 45 -8.02 -28.47 11.94
CA SER A 45 -9.08 -29.42 11.62
C SER A 45 -8.69 -30.29 10.43
N GLY A 46 -8.26 -29.65 9.35
CA GLY A 46 -7.87 -30.38 8.16
C GLY A 46 -9.01 -31.17 7.54
ZN ZN B . 0.41 -1.64 -0.12
N GLY A 1 19.86 0.07 -1.87
CA GLY A 1 20.71 0.46 -2.98
C GLY A 1 20.37 1.84 -3.51
N SER A 2 19.49 1.90 -4.50
CA SER A 2 19.09 3.17 -5.10
C SER A 2 18.15 3.94 -4.17
N SER A 3 18.54 5.15 -3.82
CA SER A 3 17.73 5.98 -2.93
C SER A 3 16.55 6.59 -3.68
N GLY A 4 15.44 5.86 -3.72
CA GLY A 4 14.25 6.34 -4.40
C GLY A 4 13.30 7.07 -3.47
N SER A 5 13.79 8.13 -2.84
CA SER A 5 12.97 8.92 -1.91
C SER A 5 11.54 9.04 -2.43
N SER A 6 10.62 8.36 -1.74
CA SER A 6 9.21 8.40 -2.13
C SER A 6 8.60 9.76 -1.85
N GLY A 7 8.78 10.69 -2.78
CA GLY A 7 8.25 12.03 -2.62
C GLY A 7 7.83 12.65 -3.93
N THR A 8 7.20 11.86 -4.79
CA THR A 8 6.75 12.34 -6.10
C THR A 8 5.29 11.99 -6.34
N GLY A 9 4.48 12.09 -5.28
CA GLY A 9 3.08 11.78 -5.40
C GLY A 9 2.19 12.95 -5.01
N GLU A 10 0.90 12.83 -5.29
CA GLU A 10 -0.05 13.89 -4.96
C GLU A 10 -1.31 13.31 -4.32
N LYS A 11 -1.14 12.25 -3.52
CA LYS A 11 -2.26 11.61 -2.85
C LYS A 11 -2.14 11.75 -1.33
N PRO A 12 -3.30 11.89 -0.67
CA PRO A 12 -3.34 12.04 0.79
C PRO A 12 -2.98 10.75 1.51
N TYR A 13 -3.50 9.64 1.03
CA TYR A 13 -3.23 8.34 1.63
C TYR A 13 -2.16 7.58 0.84
N GLU A 14 -1.16 7.07 1.55
CA GLU A 14 -0.08 6.32 0.92
C GLU A 14 0.25 5.07 1.72
N CYS A 15 0.46 3.97 1.01
CA CYS A 15 0.79 2.69 1.65
C CYS A 15 2.27 2.62 2.00
N SER A 16 2.58 2.57 3.28
CA SER A 16 3.96 2.51 3.74
C SER A 16 4.46 1.06 3.76
N ILE A 17 3.83 0.22 2.95
CA ILE A 17 4.21 -1.18 2.88
C ILE A 17 4.88 -1.50 1.54
N CYS A 18 4.16 -1.30 0.45
CA CYS A 18 4.68 -1.56 -0.88
C CYS A 18 5.10 -0.26 -1.56
N GLY A 19 4.25 0.76 -1.43
CA GLY A 19 4.55 2.04 -2.05
C GLY A 19 3.45 2.50 -2.98
N LYS A 20 2.20 2.28 -2.58
CA LYS A 20 1.05 2.67 -3.39
C LYS A 20 0.41 3.94 -2.84
N SER A 21 -0.57 4.46 -3.57
CA SER A 21 -1.27 5.67 -3.16
C SER A 21 -2.75 5.60 -3.53
N PHE A 22 -3.59 6.15 -2.66
CA PHE A 22 -5.04 6.14 -2.89
C PHE A 22 -5.65 7.49 -2.53
N THR A 23 -6.78 7.80 -3.15
CA THR A 23 -7.47 9.06 -2.89
C THR A 23 -8.61 8.87 -1.89
N LYS A 24 -8.95 7.62 -1.62
CA LYS A 24 -10.03 7.30 -0.69
C LYS A 24 -9.50 6.47 0.48
N LYS A 25 -9.82 6.90 1.69
CA LYS A 25 -9.39 6.18 2.89
C LYS A 25 -9.78 4.71 2.83
N SER A 26 -11.03 4.46 2.45
CA SER A 26 -11.53 3.09 2.35
C SER A 26 -10.64 2.24 1.45
N GLN A 27 -10.30 2.79 0.28
CA GLN A 27 -9.45 2.10 -0.67
C GLN A 27 -8.18 1.59 0.00
N LEU A 28 -7.50 2.48 0.72
CA LEU A 28 -6.27 2.13 1.41
C LEU A 28 -6.48 0.94 2.33
N HIS A 29 -7.50 1.03 3.19
CA HIS A 29 -7.82 -0.03 4.12
C HIS A 29 -8.00 -1.37 3.40
N VAL A 30 -8.73 -1.32 2.28
CA VAL A 30 -8.98 -2.52 1.49
C VAL A 30 -7.69 -3.04 0.86
N HIS A 31 -6.87 -2.13 0.35
CA HIS A 31 -5.61 -2.50 -0.28
C HIS A 31 -4.75 -3.32 0.67
N GLN A 32 -4.60 -2.84 1.90
CA GLN A 32 -3.79 -3.54 2.90
C GLN A 32 -4.02 -5.04 2.82
N GLN A 33 -5.26 -5.44 2.55
CA GLN A 33 -5.60 -6.85 2.45
C GLN A 33 -4.61 -7.59 1.56
N ILE A 34 -4.31 -7.01 0.41
CA ILE A 34 -3.36 -7.62 -0.53
C ILE A 34 -2.13 -8.15 0.20
N HIS A 35 -1.74 -7.47 1.26
CA HIS A 35 -0.58 -7.86 2.05
C HIS A 35 -0.97 -8.87 3.11
N THR A 36 -2.07 -8.61 3.81
CA THR A 36 -2.56 -9.51 4.85
C THR A 36 -3.96 -10.02 4.54
N GLY A 37 -4.12 -11.34 4.57
CA GLY A 37 -5.41 -11.95 4.29
C GLY A 37 -5.46 -13.41 4.66
N GLU A 38 -5.01 -13.74 5.87
CA GLU A 38 -5.00 -15.11 6.33
C GLU A 38 -3.96 -15.94 5.57
N LYS A 39 -2.76 -15.39 5.44
CA LYS A 39 -1.69 -16.08 4.73
C LYS A 39 -0.62 -16.56 5.71
N PRO A 40 -0.88 -17.70 6.36
CA PRO A 40 0.04 -18.30 7.33
C PRO A 40 1.30 -18.84 6.67
N SER A 41 1.18 -19.23 5.40
CA SER A 41 2.30 -19.78 4.66
C SER A 41 3.58 -18.98 4.93
N GLY A 42 3.44 -17.67 4.99
CA GLY A 42 4.58 -16.81 5.24
C GLY A 42 4.84 -16.61 6.72
N PRO A 43 6.13 -16.48 7.08
CA PRO A 43 6.53 -16.29 8.48
C PRO A 43 6.15 -14.92 9.02
N SER A 44 5.55 -14.10 8.15
CA SER A 44 5.14 -12.75 8.54
C SER A 44 6.35 -11.83 8.68
N SER A 45 7.29 -11.95 7.75
CA SER A 45 8.49 -11.14 7.77
C SER A 45 8.15 -9.65 7.69
N GLY A 46 7.17 -9.32 6.85
CA GLY A 46 6.75 -7.94 6.70
C GLY A 46 7.01 -7.40 5.30
ZN ZN B . 0.58 -1.75 -0.11
N GLY A 1 14.50 10.58 -4.34
CA GLY A 1 14.36 9.89 -5.61
C GLY A 1 13.86 10.79 -6.71
N SER A 2 14.71 11.07 -7.68
CA SER A 2 14.35 11.94 -8.80
C SER A 2 13.59 11.15 -9.87
N SER A 3 12.65 10.32 -9.43
CA SER A 3 11.85 9.52 -10.34
C SER A 3 11.12 10.40 -11.35
N GLY A 4 11.66 10.48 -12.56
CA GLY A 4 11.04 11.28 -13.59
C GLY A 4 11.20 12.76 -13.35
N SER A 5 11.61 13.50 -14.38
CA SER A 5 11.80 14.94 -14.25
C SER A 5 10.46 15.66 -14.20
N SER A 6 9.54 15.27 -15.08
CA SER A 6 8.22 15.89 -15.14
C SER A 6 7.17 14.95 -14.56
N GLY A 7 6.19 15.53 -13.86
CA GLY A 7 5.13 14.73 -13.27
C GLY A 7 5.15 14.78 -11.75
N THR A 8 4.71 15.90 -11.19
CA THR A 8 4.69 16.08 -9.75
C THR A 8 3.26 15.97 -9.22
N GLY A 9 3.09 15.17 -8.16
CA GLY A 9 1.78 15.00 -7.57
C GLY A 9 1.85 14.60 -6.11
N GLU A 10 0.69 14.53 -5.45
CA GLU A 10 0.63 14.14 -4.05
C GLU A 10 -0.76 13.60 -3.69
N LYS A 11 -0.78 12.51 -2.94
CA LYS A 11 -2.03 11.89 -2.53
C LYS A 11 -2.22 11.97 -1.01
N PRO A 12 -3.48 11.92 -0.56
CA PRO A 12 -3.81 11.99 0.86
C PRO A 12 -3.39 10.74 1.62
N TYR A 13 -3.62 9.59 1.03
CA TYR A 13 -3.25 8.31 1.65
C TYR A 13 -2.22 7.58 0.81
N GLU A 14 -1.21 7.03 1.48
CA GLU A 14 -0.15 6.29 0.80
C GLU A 14 0.31 5.09 1.63
N CYS A 15 0.64 4.00 0.96
CA CYS A 15 1.10 2.79 1.65
C CYS A 15 2.60 2.84 1.89
N SER A 16 3.04 2.24 2.99
CA SER A 16 4.45 2.22 3.35
C SER A 16 5.01 0.81 3.24
N ILE A 17 4.24 -0.10 2.65
CA ILE A 17 4.66 -1.48 2.50
C ILE A 17 5.18 -1.74 1.09
N CYS A 18 4.36 -1.42 0.09
CA CYS A 18 4.73 -1.61 -1.31
C CYS A 18 5.13 -0.28 -1.94
N GLY A 19 4.32 0.74 -1.73
CA GLY A 19 4.60 2.05 -2.30
C GLY A 19 3.45 2.58 -3.13
N LYS A 20 2.25 2.10 -2.85
CA LYS A 20 1.07 2.53 -3.59
C LYS A 20 0.44 3.76 -2.94
N SER A 21 -0.64 4.25 -3.53
CA SER A 21 -1.33 5.42 -3.00
C SER A 21 -2.80 5.42 -3.41
N PHE A 22 -3.67 5.87 -2.51
CA PHE A 22 -5.09 5.92 -2.76
C PHE A 22 -5.68 7.26 -2.34
N THR A 23 -6.71 7.71 -3.05
CA THR A 23 -7.36 8.97 -2.74
C THR A 23 -8.64 8.76 -1.95
N LYS A 24 -8.72 7.62 -1.25
CA LYS A 24 -9.89 7.30 -0.46
C LYS A 24 -9.54 6.26 0.61
N LYS A 25 -9.75 6.63 1.87
CA LYS A 25 -9.46 5.73 2.98
C LYS A 25 -10.00 4.33 2.71
N SER A 26 -11.22 4.26 2.19
CA SER A 26 -11.84 2.98 1.88
C SER A 26 -10.97 2.16 0.91
N GLN A 27 -10.49 2.82 -0.13
CA GLN A 27 -9.64 2.16 -1.12
C GLN A 27 -8.40 1.57 -0.46
N LEU A 28 -7.69 2.39 0.31
CA LEU A 28 -6.48 1.94 0.99
C LEU A 28 -6.78 0.76 1.91
N HIS A 29 -7.80 0.92 2.76
CA HIS A 29 -8.18 -0.13 3.69
C HIS A 29 -8.27 -1.48 2.99
N VAL A 30 -8.92 -1.49 1.82
CA VAL A 30 -9.07 -2.72 1.04
C VAL A 30 -7.73 -3.19 0.49
N HIS A 31 -6.78 -2.26 0.38
CA HIS A 31 -5.46 -2.57 -0.14
C HIS A 31 -4.57 -3.14 0.96
N GLN A 32 -4.66 -2.56 2.15
CA GLN A 32 -3.86 -3.01 3.29
C GLN A 32 -4.05 -4.50 3.53
N GLN A 33 -5.25 -5.00 3.22
CA GLN A 33 -5.55 -6.41 3.41
C GLN A 33 -4.84 -7.26 2.36
N ILE A 34 -4.47 -6.64 1.25
CA ILE A 34 -3.78 -7.34 0.17
C ILE A 34 -2.47 -7.95 0.66
N HIS A 35 -1.84 -7.28 1.62
CA HIS A 35 -0.57 -7.75 2.16
C HIS A 35 -0.81 -8.81 3.24
N THR A 36 -1.65 -8.48 4.22
CA THR A 36 -1.95 -9.40 5.31
C THR A 36 -3.13 -10.30 4.96
N GLY A 37 -2.83 -11.47 4.40
CA GLY A 37 -3.88 -12.40 4.03
C GLY A 37 -3.44 -13.35 2.93
N GLU A 38 -2.73 -12.83 1.94
CA GLU A 38 -2.26 -13.63 0.82
C GLU A 38 -3.42 -14.07 -0.06
N LYS A 39 -4.37 -13.17 -0.29
CA LYS A 39 -5.54 -13.48 -1.11
C LYS A 39 -5.60 -12.54 -2.32
N PRO A 40 -6.05 -13.08 -3.45
CA PRO A 40 -6.17 -12.32 -4.71
C PRO A 40 -7.28 -11.28 -4.64
N SER A 41 -6.93 -10.07 -4.20
CA SER A 41 -7.89 -8.98 -4.09
C SER A 41 -8.67 -8.81 -5.39
N GLY A 42 -9.98 -8.67 -5.29
CA GLY A 42 -10.82 -8.51 -6.46
C GLY A 42 -12.27 -8.84 -6.19
N PRO A 43 -12.55 -10.13 -5.97
CA PRO A 43 -13.91 -10.61 -5.70
C PRO A 43 -14.43 -10.16 -4.33
N SER A 44 -15.27 -9.14 -4.34
CA SER A 44 -15.82 -8.60 -3.10
C SER A 44 -17.09 -7.79 -3.38
N SER A 45 -18.12 -8.02 -2.57
CA SER A 45 -19.38 -7.32 -2.73
C SER A 45 -19.18 -5.81 -2.74
N GLY A 46 -18.48 -5.31 -1.72
CA GLY A 46 -18.21 -3.89 -1.63
C GLY A 46 -19.42 -3.05 -2.00
ZN ZN B . 0.81 -1.65 -0.01
N GLY A 1 15.35 6.12 -3.89
CA GLY A 1 16.28 7.24 -3.93
C GLY A 1 16.04 8.13 -5.13
N SER A 2 15.79 7.52 -6.29
CA SER A 2 15.56 8.27 -7.51
C SER A 2 14.65 9.47 -7.25
N SER A 3 14.90 10.56 -7.97
CA SER A 3 14.12 11.78 -7.82
C SER A 3 12.62 11.45 -7.79
N GLY A 4 11.92 12.00 -6.80
CA GLY A 4 10.50 11.76 -6.68
C GLY A 4 9.68 13.02 -6.90
N SER A 5 9.68 13.51 -8.13
CA SER A 5 8.94 14.73 -8.46
C SER A 5 7.93 14.45 -9.57
N SER A 6 6.68 14.20 -9.17
CA SER A 6 5.61 13.92 -10.13
C SER A 6 4.25 14.24 -9.52
N GLY A 7 3.55 15.19 -10.14
CA GLY A 7 2.24 15.58 -9.65
C GLY A 7 2.26 16.87 -8.86
N THR A 8 1.22 17.68 -9.02
CA THR A 8 1.14 18.96 -8.32
C THR A 8 0.69 18.77 -6.87
N GLY A 9 -0.42 18.06 -6.69
CA GLY A 9 -0.93 17.81 -5.35
C GLY A 9 -0.44 16.49 -4.78
N GLU A 10 -0.15 16.48 -3.49
CA GLU A 10 0.32 15.27 -2.82
C GLU A 10 -0.85 14.36 -2.44
N LYS A 11 -0.77 13.10 -2.86
CA LYS A 11 -1.81 12.13 -2.57
C LYS A 11 -2.16 12.13 -1.08
N PRO A 12 -3.45 11.94 -0.77
CA PRO A 12 -3.93 11.91 0.61
C PRO A 12 -3.47 10.66 1.36
N TYR A 13 -3.63 9.51 0.74
CA TYR A 13 -3.22 8.25 1.35
C TYR A 13 -2.16 7.55 0.50
N GLU A 14 -1.37 6.70 1.16
CA GLU A 14 -0.31 5.97 0.46
C GLU A 14 0.24 4.85 1.34
N CYS A 15 0.36 3.65 0.76
CA CYS A 15 0.88 2.50 1.49
C CYS A 15 2.39 2.58 1.65
N SER A 16 2.90 1.97 2.71
CA SER A 16 4.34 1.98 2.98
C SER A 16 4.96 0.63 2.66
N ILE A 17 4.16 -0.43 2.77
CA ILE A 17 4.63 -1.79 2.49
C ILE A 17 5.07 -1.92 1.04
N CYS A 18 4.14 -1.66 0.12
CA CYS A 18 4.42 -1.77 -1.30
C CYS A 18 4.81 -0.41 -1.87
N GLY A 19 4.07 0.63 -1.49
CA GLY A 19 4.35 1.96 -1.98
C GLY A 19 3.29 2.48 -2.92
N LYS A 20 2.07 1.99 -2.75
CA LYS A 20 0.95 2.41 -3.60
C LYS A 20 0.32 3.68 -3.06
N SER A 21 -0.60 4.25 -3.84
CA SER A 21 -1.29 5.48 -3.45
C SER A 21 -2.78 5.40 -3.78
N PHE A 22 -3.61 5.89 -2.86
CA PHE A 22 -5.04 5.88 -3.07
C PHE A 22 -5.65 7.25 -2.73
N THR A 23 -6.70 7.62 -3.46
CA THR A 23 -7.37 8.89 -3.24
C THR A 23 -8.52 8.75 -2.25
N LYS A 24 -8.88 7.51 -1.95
CA LYS A 24 -9.97 7.24 -1.01
C LYS A 24 -9.48 6.35 0.13
N LYS A 25 -9.66 6.83 1.37
CA LYS A 25 -9.25 6.09 2.54
C LYS A 25 -9.68 4.63 2.45
N SER A 26 -10.93 4.41 2.04
CA SER A 26 -11.48 3.07 1.92
C SER A 26 -10.55 2.19 1.08
N GLN A 27 -10.17 2.69 -0.09
CA GLN A 27 -9.28 1.94 -0.98
C GLN A 27 -8.03 1.46 -0.24
N LEU A 28 -7.43 2.35 0.53
CA LEU A 28 -6.23 2.02 1.29
C LEU A 28 -6.52 0.93 2.31
N HIS A 29 -7.58 1.12 3.09
CA HIS A 29 -7.96 0.14 4.10
C HIS A 29 -8.07 -1.25 3.51
N VAL A 30 -8.91 -1.39 2.48
CA VAL A 30 -9.10 -2.67 1.82
C VAL A 30 -7.80 -3.16 1.18
N HIS A 31 -7.02 -2.23 0.67
CA HIS A 31 -5.75 -2.56 0.03
C HIS A 31 -4.81 -3.25 1.02
N GLN A 32 -4.58 -2.62 2.16
CA GLN A 32 -3.71 -3.17 3.19
C GLN A 32 -3.90 -4.68 3.31
N GLN A 33 -5.14 -5.13 3.12
CA GLN A 33 -5.46 -6.54 3.21
C GLN A 33 -4.54 -7.37 2.31
N ILE A 34 -4.41 -6.95 1.06
CA ILE A 34 -3.57 -7.64 0.09
C ILE A 34 -2.28 -8.11 0.75
N HIS A 35 -1.85 -7.41 1.80
CA HIS A 35 -0.63 -7.77 2.51
C HIS A 35 -0.94 -8.60 3.74
N THR A 36 -1.83 -9.59 3.58
CA THR A 36 -2.21 -10.46 4.68
C THR A 36 -1.46 -11.80 4.61
N GLY A 37 -0.94 -12.11 3.43
CA GLY A 37 -0.21 -13.35 3.25
C GLY A 37 -1.02 -14.57 3.67
N GLU A 38 -1.69 -15.18 2.70
CA GLU A 38 -2.51 -16.36 2.98
C GLU A 38 -2.75 -17.16 1.70
N LYS A 39 -2.69 -18.49 1.83
CA LYS A 39 -2.89 -19.37 0.68
C LYS A 39 -4.32 -19.93 0.68
N PRO A 40 -4.86 -20.16 -0.53
CA PRO A 40 -6.21 -20.71 -0.70
C PRO A 40 -6.32 -22.16 -0.26
N SER A 41 -5.17 -22.76 0.08
CA SER A 41 -5.13 -24.15 0.52
C SER A 41 -6.39 -24.50 1.33
N GLY A 42 -7.02 -25.61 0.98
CA GLY A 42 -8.22 -26.03 1.68
C GLY A 42 -9.09 -26.94 0.84
N PRO A 43 -8.59 -28.15 0.54
CA PRO A 43 -9.31 -29.14 -0.26
C PRO A 43 -10.53 -29.71 0.48
N SER A 44 -11.70 -29.18 0.18
CA SER A 44 -12.93 -29.63 0.82
C SER A 44 -13.92 -30.14 -0.22
N SER A 45 -14.36 -29.24 -1.10
CA SER A 45 -15.32 -29.60 -2.15
C SER A 45 -15.03 -31.00 -2.68
N GLY A 46 -13.82 -31.20 -3.18
CA GLY A 46 -13.44 -32.49 -3.72
C GLY A 46 -12.78 -32.38 -5.08
ZN ZN B . 0.50 -1.94 -0.03
N GLY A 1 14.43 14.62 6.92
CA GLY A 1 13.41 15.53 7.42
C GLY A 1 12.63 16.18 6.30
N SER A 2 11.83 15.40 5.60
CA SER A 2 11.02 15.92 4.50
C SER A 2 10.22 17.14 4.93
N SER A 3 9.69 17.87 3.96
CA SER A 3 8.89 19.06 4.25
C SER A 3 7.45 18.88 3.78
N GLY A 4 6.53 19.52 4.49
CA GLY A 4 5.12 19.42 4.14
C GLY A 4 4.62 20.64 3.38
N SER A 5 4.96 21.82 3.88
CA SER A 5 4.54 23.06 3.26
C SER A 5 4.62 22.96 1.73
N SER A 6 5.81 22.65 1.23
CA SER A 6 6.03 22.53 -0.21
C SER A 6 5.49 21.19 -0.72
N GLY A 7 4.55 21.25 -1.65
CA GLY A 7 3.98 20.04 -2.21
C GLY A 7 3.62 20.19 -3.67
N THR A 8 3.98 19.19 -4.48
CA THR A 8 3.69 19.22 -5.90
C THR A 8 2.64 18.19 -6.27
N GLY A 9 1.37 18.54 -6.09
CA GLY A 9 0.29 17.62 -6.41
C GLY A 9 0.63 16.19 -6.08
N GLU A 10 0.34 15.78 -4.85
CA GLU A 10 0.62 14.42 -4.41
C GLU A 10 -0.61 13.79 -3.77
N LYS A 11 -0.75 12.47 -3.93
CA LYS A 11 -1.88 11.75 -3.36
C LYS A 11 -1.97 11.98 -1.85
N PRO A 12 -3.21 12.06 -1.34
CA PRO A 12 -3.47 12.28 0.08
C PRO A 12 -3.08 11.08 0.93
N TYR A 13 -3.46 9.89 0.47
CA TYR A 13 -3.16 8.66 1.18
C TYR A 13 -2.04 7.87 0.49
N GLU A 14 -1.30 7.10 1.27
CA GLU A 14 -0.21 6.30 0.72
C GLU A 14 0.05 5.07 1.59
N CYS A 15 0.31 3.94 0.94
CA CYS A 15 0.58 2.69 1.65
C CYS A 15 2.03 2.62 2.10
N SER A 16 2.23 2.59 3.42
CA SER A 16 3.58 2.53 3.98
C SER A 16 4.08 1.08 4.04
N ILE A 17 3.55 0.25 3.15
CA ILE A 17 3.94 -1.16 3.11
C ILE A 17 4.69 -1.48 1.81
N CYS A 18 3.98 -1.39 0.69
CA CYS A 18 4.57 -1.66 -0.61
C CYS A 18 5.02 -0.38 -1.29
N GLY A 19 4.15 0.63 -1.30
CA GLY A 19 4.48 1.90 -1.91
C GLY A 19 3.38 2.39 -2.84
N LYS A 20 2.15 1.98 -2.55
CA LYS A 20 1.01 2.39 -3.36
C LYS A 20 0.40 3.69 -2.84
N SER A 21 -0.66 4.15 -3.50
CA SER A 21 -1.32 5.39 -3.09
C SER A 21 -2.76 5.40 -3.57
N PHE A 22 -3.65 5.94 -2.74
CA PHE A 22 -5.07 6.01 -3.08
C PHE A 22 -5.64 7.39 -2.75
N THR A 23 -6.92 7.59 -3.05
CA THR A 23 -7.58 8.86 -2.80
C THR A 23 -8.75 8.69 -1.83
N LYS A 24 -8.79 7.54 -1.15
CA LYS A 24 -9.84 7.25 -0.20
C LYS A 24 -9.37 6.27 0.87
N LYS A 25 -9.52 6.65 2.14
CA LYS A 25 -9.11 5.81 3.25
C LYS A 25 -9.60 4.38 3.05
N SER A 26 -10.85 4.23 2.64
CA SER A 26 -11.43 2.92 2.41
C SER A 26 -10.58 2.10 1.44
N GLN A 27 -10.23 2.72 0.32
CA GLN A 27 -9.42 2.05 -0.70
C GLN A 27 -8.11 1.53 -0.10
N LEU A 28 -7.41 2.40 0.60
CA LEU A 28 -6.14 2.04 1.23
C LEU A 28 -6.35 0.90 2.25
N HIS A 29 -7.26 1.12 3.19
CA HIS A 29 -7.56 0.14 4.22
C HIS A 29 -7.75 -1.24 3.59
N VAL A 30 -8.65 -1.31 2.61
CA VAL A 30 -8.94 -2.57 1.94
C VAL A 30 -7.72 -3.09 1.18
N HIS A 31 -7.04 -2.17 0.49
CA HIS A 31 -5.86 -2.53 -0.29
C HIS A 31 -4.88 -3.32 0.56
N GLN A 32 -4.63 -2.84 1.78
CA GLN A 32 -3.70 -3.51 2.69
C GLN A 32 -3.92 -5.01 2.68
N GLN A 33 -5.17 -5.43 2.48
CA GLN A 33 -5.51 -6.85 2.45
C GLN A 33 -4.58 -7.61 1.52
N ILE A 34 -4.43 -7.12 0.30
CA ILE A 34 -3.55 -7.75 -0.68
C ILE A 34 -2.31 -8.31 -0.02
N HIS A 35 -1.76 -7.57 0.94
CA HIS A 35 -0.56 -7.99 1.65
C HIS A 35 -0.88 -9.11 2.64
N THR A 36 -1.74 -8.80 3.61
CA THR A 36 -2.13 -9.77 4.62
C THR A 36 -2.93 -10.91 4.01
N GLY A 37 -2.84 -12.08 4.63
CA GLY A 37 -3.56 -13.24 4.13
C GLY A 37 -3.17 -14.53 4.83
N GLU A 38 -3.00 -14.46 6.15
CA GLU A 38 -2.62 -15.62 6.94
C GLU A 38 -3.78 -16.12 7.77
N LYS A 39 -4.53 -17.09 7.22
CA LYS A 39 -5.67 -17.65 7.92
C LYS A 39 -5.46 -19.14 8.20
N PRO A 40 -4.72 -19.44 9.27
CA PRO A 40 -4.42 -20.82 9.66
C PRO A 40 -5.65 -21.54 10.19
N SER A 41 -6.36 -20.90 11.11
CA SER A 41 -7.56 -21.49 11.70
C SER A 41 -8.81 -20.99 11.00
N GLY A 42 -9.94 -21.63 11.28
CA GLY A 42 -11.19 -21.24 10.66
C GLY A 42 -12.37 -22.09 11.13
N PRO A 43 -12.93 -21.72 12.29
CA PRO A 43 -14.07 -22.44 12.86
C PRO A 43 -15.35 -22.26 12.06
N SER A 44 -15.53 -21.06 11.50
CA SER A 44 -16.71 -20.76 10.70
C SER A 44 -16.56 -21.29 9.28
N SER A 45 -17.63 -21.85 8.75
CA SER A 45 -17.62 -22.41 7.39
C SER A 45 -17.48 -21.28 6.36
N GLY A 46 -16.38 -21.32 5.62
CA GLY A 46 -16.14 -20.31 4.61
C GLY A 46 -17.21 -20.29 3.54
ZN ZN B . 0.40 -1.68 -0.19
N GLY A 1 28.35 5.53 -5.34
CA GLY A 1 28.07 5.94 -6.70
C GLY A 1 27.13 7.13 -6.77
N SER A 2 25.94 6.93 -7.33
CA SER A 2 24.97 8.00 -7.46
C SER A 2 23.55 7.44 -7.44
N SER A 3 22.55 8.33 -7.42
CA SER A 3 21.16 7.92 -7.40
C SER A 3 20.27 9.06 -7.90
N GLY A 4 18.98 8.76 -8.05
CA GLY A 4 18.03 9.76 -8.53
C GLY A 4 16.71 9.15 -8.97
N SER A 5 15.65 9.42 -8.21
CA SER A 5 14.34 8.89 -8.53
C SER A 5 13.35 10.02 -8.82
N SER A 6 12.34 9.73 -9.63
CA SER A 6 11.33 10.72 -9.99
C SER A 6 10.11 10.60 -9.08
N GLY A 7 9.19 11.55 -9.21
CA GLY A 7 7.98 11.54 -8.40
C GLY A 7 6.91 12.45 -8.95
N THR A 8 5.74 11.89 -9.21
CA THR A 8 4.62 12.66 -9.74
C THR A 8 3.28 12.01 -9.41
N GLY A 9 2.45 12.73 -8.66
CA GLY A 9 1.15 12.19 -8.28
C GLY A 9 0.99 12.08 -6.78
N GLU A 10 0.74 13.21 -6.12
CA GLU A 10 0.57 13.23 -4.68
C GLU A 10 -0.85 12.83 -4.30
N LYS A 11 -0.97 12.00 -3.27
CA LYS A 11 -2.27 11.54 -2.80
C LYS A 11 -2.42 11.75 -1.29
N PRO A 12 -3.67 11.84 -0.82
CA PRO A 12 -3.97 12.04 0.59
C PRO A 12 -3.65 10.81 1.43
N TYR A 13 -3.65 9.64 0.80
CA TYR A 13 -3.36 8.39 1.48
C TYR A 13 -2.34 7.57 0.71
N GLU A 14 -1.33 7.08 1.42
CA GLU A 14 -0.27 6.28 0.80
C GLU A 14 -0.02 5.02 1.60
N CYS A 15 0.40 3.95 0.90
CA CYS A 15 0.67 2.67 1.54
C CYS A 15 2.10 2.65 2.10
N SER A 16 2.21 2.48 3.41
CA SER A 16 3.52 2.44 4.06
C SER A 16 4.10 1.03 4.02
N ILE A 17 3.54 0.19 3.17
CA ILE A 17 4.00 -1.19 3.03
C ILE A 17 4.73 -1.40 1.71
N CYS A 18 4.02 -1.14 0.60
CA CYS A 18 4.61 -1.30 -0.72
C CYS A 18 4.98 0.06 -1.32
N GLY A 19 4.06 1.01 -1.22
CA GLY A 19 4.31 2.35 -1.75
C GLY A 19 3.11 2.90 -2.49
N LYS A 20 2.19 2.03 -2.87
CA LYS A 20 0.99 2.44 -3.59
C LYS A 20 0.34 3.65 -2.93
N SER A 21 -0.70 4.18 -3.56
CA SER A 21 -1.40 5.35 -3.02
C SER A 21 -2.88 5.30 -3.40
N PHE A 22 -3.71 5.94 -2.59
CA PHE A 22 -5.14 5.98 -2.84
C PHE A 22 -5.74 7.31 -2.38
N THR A 23 -6.68 7.83 -3.16
CA THR A 23 -7.33 9.09 -2.85
C THR A 23 -8.42 8.90 -1.80
N LYS A 24 -8.76 7.65 -1.53
CA LYS A 24 -9.79 7.34 -0.54
C LYS A 24 -9.21 6.52 0.60
N LYS A 25 -9.42 7.00 1.83
CA LYS A 25 -8.92 6.31 3.01
C LYS A 25 -9.35 4.85 3.01
N SER A 26 -10.59 4.60 2.63
CA SER A 26 -11.12 3.23 2.58
C SER A 26 -10.34 2.38 1.60
N GLN A 27 -10.15 2.89 0.38
CA GLN A 27 -9.41 2.17 -0.64
C GLN A 27 -8.09 1.65 -0.10
N LEU A 28 -7.39 2.49 0.64
CA LEU A 28 -6.11 2.11 1.23
C LEU A 28 -6.27 0.96 2.22
N HIS A 29 -7.20 1.13 3.15
CA HIS A 29 -7.46 0.10 4.16
C HIS A 29 -7.74 -1.25 3.51
N VAL A 30 -8.52 -1.23 2.43
CA VAL A 30 -8.85 -2.45 1.71
C VAL A 30 -7.65 -3.00 0.96
N HIS A 31 -6.90 -2.10 0.32
CA HIS A 31 -5.72 -2.49 -0.43
C HIS A 31 -4.75 -3.29 0.43
N GLN A 32 -4.56 -2.85 1.67
CA GLN A 32 -3.67 -3.53 2.60
C GLN A 32 -3.93 -5.03 2.61
N GLN A 33 -5.18 -5.40 2.34
CA GLN A 33 -5.56 -6.81 2.34
C GLN A 33 -4.66 -7.61 1.40
N ILE A 34 -4.27 -7.00 0.29
CA ILE A 34 -3.39 -7.66 -0.67
C ILE A 34 -2.12 -8.16 -0.02
N HIS A 35 -1.71 -7.50 1.07
CA HIS A 35 -0.51 -7.88 1.79
C HIS A 35 -0.82 -8.94 2.84
N THR A 36 -1.54 -8.53 3.89
CA THR A 36 -1.90 -9.43 4.97
C THR A 36 -2.51 -10.73 4.42
N GLY A 37 -3.20 -10.61 3.30
CA GLY A 37 -3.82 -11.78 2.68
C GLY A 37 -4.58 -12.62 3.68
N GLU A 38 -4.60 -13.93 3.47
CA GLU A 38 -5.30 -14.85 4.36
C GLU A 38 -4.33 -15.80 5.04
N LYS A 39 -4.77 -16.38 6.15
CA LYS A 39 -3.93 -17.32 6.90
C LYS A 39 -3.62 -18.56 6.07
N PRO A 40 -2.37 -19.05 6.19
CA PRO A 40 -1.92 -20.23 5.47
C PRO A 40 -2.58 -21.52 5.98
N SER A 41 -3.23 -21.42 7.13
CA SER A 41 -3.90 -22.57 7.72
C SER A 41 -4.91 -23.18 6.75
N GLY A 42 -4.68 -24.44 6.39
CA GLY A 42 -5.58 -25.12 5.47
C GLY A 42 -4.83 -25.98 4.47
N PRO A 43 -4.56 -25.41 3.28
CA PRO A 43 -3.86 -26.12 2.21
C PRO A 43 -2.39 -26.34 2.54
N SER A 44 -1.83 -27.43 2.01
CA SER A 44 -0.43 -27.75 2.25
C SER A 44 0.43 -27.43 1.03
N SER A 45 1.74 -27.35 1.23
CA SER A 45 2.66 -27.03 0.15
C SER A 45 3.38 -28.29 -0.33
N GLY A 46 4.06 -28.97 0.59
CA GLY A 46 4.78 -30.18 0.22
C GLY A 46 6.13 -29.89 -0.40
ZN ZN B . 0.44 -1.87 -0.21
N GLY A 1 17.01 4.78 -6.88
CA GLY A 1 16.60 6.07 -6.36
C GLY A 1 16.14 7.02 -7.45
N SER A 2 16.57 8.28 -7.35
CA SER A 2 16.20 9.29 -8.33
C SER A 2 14.69 9.32 -8.52
N SER A 3 13.95 9.24 -7.41
CA SER A 3 12.50 9.25 -7.46
C SER A 3 11.96 10.65 -7.20
N GLY A 4 11.57 11.34 -8.27
CA GLY A 4 11.05 12.70 -8.14
C GLY A 4 9.54 12.74 -8.22
N SER A 5 8.89 12.97 -7.09
CA SER A 5 7.43 13.03 -7.03
C SER A 5 6.97 14.34 -6.40
N SER A 6 7.61 15.44 -6.77
CA SER A 6 7.27 16.75 -6.24
C SER A 6 6.90 17.71 -7.37
N GLY A 7 5.69 18.26 -7.28
CA GLY A 7 5.23 19.19 -8.29
C GLY A 7 3.73 19.41 -8.24
N THR A 8 2.99 18.62 -9.02
CA THR A 8 1.54 18.73 -9.06
C THR A 8 0.95 18.77 -7.66
N GLY A 9 1.22 17.74 -6.87
CA GLY A 9 0.71 17.68 -5.52
C GLY A 9 1.11 16.41 -4.81
N GLU A 10 0.33 16.03 -3.79
CA GLU A 10 0.61 14.82 -3.02
C GLU A 10 -0.68 14.12 -2.62
N LYS A 11 -0.73 12.80 -2.83
CA LYS A 11 -1.90 12.01 -2.49
C LYS A 11 -2.15 12.02 -0.99
N PRO A 12 -3.43 11.91 -0.60
CA PRO A 12 -3.84 11.91 0.81
C PRO A 12 -3.41 10.63 1.53
N TYR A 13 -3.59 9.50 0.88
CA TYR A 13 -3.22 8.21 1.46
C TYR A 13 -2.15 7.52 0.62
N GLU A 14 -1.24 6.83 1.29
CA GLU A 14 -0.15 6.13 0.61
C GLU A 14 0.35 4.97 1.46
N CYS A 15 0.48 3.80 0.82
CA CYS A 15 0.96 2.61 1.51
C CYS A 15 2.47 2.62 1.67
N SER A 16 2.96 2.11 2.80
CA SER A 16 4.39 2.07 3.06
C SER A 16 4.93 0.65 2.92
N ILE A 17 4.06 -0.28 2.56
CA ILE A 17 4.44 -1.67 2.39
C ILE A 17 4.92 -1.94 0.96
N CYS A 18 4.07 -1.61 0.00
CA CYS A 18 4.41 -1.81 -1.41
C CYS A 18 4.85 -0.51 -2.06
N GLY A 19 4.10 0.56 -1.83
CA GLY A 19 4.43 1.85 -2.39
C GLY A 19 3.34 2.39 -3.31
N LYS A 20 2.09 2.09 -2.96
CA LYS A 20 0.95 2.55 -3.75
C LYS A 20 0.28 3.75 -3.10
N SER A 21 -0.47 4.51 -3.89
CA SER A 21 -1.16 5.69 -3.39
C SER A 21 -2.65 5.63 -3.74
N PHE A 22 -3.49 5.95 -2.75
CA PHE A 22 -4.93 5.94 -2.94
C PHE A 22 -5.54 7.29 -2.59
N THR A 23 -6.59 7.66 -3.31
CA THR A 23 -7.26 8.93 -3.08
C THR A 23 -8.45 8.77 -2.13
N LYS A 24 -8.84 7.52 -1.89
CA LYS A 24 -9.96 7.23 -1.00
C LYS A 24 -9.51 6.32 0.14
N LYS A 25 -9.84 6.71 1.37
CA LYS A 25 -9.47 5.93 2.55
C LYS A 25 -9.96 4.49 2.42
N SER A 26 -11.22 4.33 2.02
CA SER A 26 -11.82 3.01 1.86
C SER A 26 -10.93 2.12 0.99
N GLN A 27 -10.41 2.70 -0.09
CA GLN A 27 -9.55 1.95 -1.01
C GLN A 27 -8.30 1.44 -0.29
N LEU A 28 -7.62 2.34 0.42
CA LEU A 28 -6.41 1.98 1.15
C LEU A 28 -6.72 0.90 2.20
N HIS A 29 -7.72 1.16 3.03
CA HIS A 29 -8.11 0.22 4.07
C HIS A 29 -8.22 -1.20 3.51
N VAL A 30 -8.99 -1.34 2.44
CA VAL A 30 -9.18 -2.64 1.81
C VAL A 30 -7.87 -3.17 1.22
N HIS A 31 -7.09 -2.25 0.66
CA HIS A 31 -5.81 -2.63 0.05
C HIS A 31 -4.89 -3.28 1.08
N GLN A 32 -4.77 -2.65 2.25
CA GLN A 32 -3.91 -3.17 3.32
C GLN A 32 -4.03 -4.69 3.40
N GLN A 33 -5.20 -5.21 3.03
CA GLN A 33 -5.43 -6.65 3.08
C GLN A 33 -4.38 -7.40 2.27
N ILE A 34 -4.17 -6.95 1.03
CA ILE A 34 -3.18 -7.57 0.15
C ILE A 34 -1.99 -8.10 0.94
N HIS A 35 -1.48 -7.27 1.86
CA HIS A 35 -0.35 -7.66 2.69
C HIS A 35 -0.81 -8.42 3.93
N THR A 36 -1.75 -9.34 3.73
CA THR A 36 -2.27 -10.15 4.84
C THR A 36 -1.79 -11.58 4.73
N GLY A 37 -0.48 -11.77 4.67
CA GLY A 37 0.08 -13.10 4.58
C GLY A 37 1.17 -13.21 3.54
N GLU A 38 2.00 -12.17 3.46
CA GLU A 38 3.11 -12.15 2.49
C GLU A 38 4.26 -11.30 3.00
N LYS A 39 5.33 -11.96 3.42
CA LYS A 39 6.51 -11.28 3.93
C LYS A 39 6.11 -10.11 4.83
N PRO A 40 5.28 -10.41 5.85
CA PRO A 40 4.81 -9.39 6.80
C PRO A 40 5.92 -8.89 7.71
N SER A 41 5.83 -7.62 8.11
CA SER A 41 6.83 -7.04 8.99
C SER A 41 6.48 -7.29 10.46
N GLY A 42 6.04 -8.50 10.75
CA GLY A 42 5.68 -8.85 12.12
C GLY A 42 6.58 -8.19 13.14
N PRO A 43 7.72 -8.85 13.44
CA PRO A 43 8.69 -8.34 14.41
C PRO A 43 9.41 -7.10 13.91
N SER A 44 8.82 -5.93 14.12
CA SER A 44 9.41 -4.68 13.68
C SER A 44 10.73 -4.42 14.39
N SER A 45 11.64 -3.72 13.71
CA SER A 45 12.95 -3.41 14.29
C SER A 45 12.80 -2.68 15.61
N GLY A 46 12.05 -1.58 15.60
CA GLY A 46 11.86 -0.80 16.81
C GLY A 46 12.34 0.63 16.67
ZN ZN B . 0.50 -1.82 0.02
N GLY A 1 16.18 2.47 -10.42
CA GLY A 1 15.70 3.57 -9.60
C GLY A 1 14.24 3.88 -9.87
N SER A 2 13.99 5.03 -10.49
CA SER A 2 12.62 5.45 -10.80
C SER A 2 11.93 4.42 -11.69
N SER A 3 10.66 4.17 -11.40
CA SER A 3 9.88 3.21 -12.17
C SER A 3 8.38 3.49 -12.04
N GLY A 4 7.78 4.01 -13.11
CA GLY A 4 6.37 4.32 -13.10
C GLY A 4 5.92 4.92 -11.78
N SER A 5 6.18 6.21 -11.61
CA SER A 5 5.80 6.91 -10.38
C SER A 5 5.40 8.36 -10.68
N SER A 6 4.39 8.85 -9.96
CA SER A 6 3.92 10.21 -10.15
C SER A 6 4.84 11.21 -9.48
N GLY A 7 5.20 12.26 -10.21
CA GLY A 7 6.08 13.28 -9.68
C GLY A 7 5.38 14.18 -8.69
N THR A 8 6.14 14.71 -7.73
CA THR A 8 5.58 15.59 -6.71
C THR A 8 4.15 15.20 -6.36
N GLY A 9 3.92 13.90 -6.24
CA GLY A 9 2.59 13.43 -5.91
C GLY A 9 2.04 14.04 -4.63
N GLU A 10 0.77 14.40 -4.65
CA GLU A 10 0.13 15.01 -3.48
C GLU A 10 -1.02 14.14 -2.97
N LYS A 11 -0.84 12.83 -3.06
CA LYS A 11 -1.87 11.89 -2.61
C LYS A 11 -2.04 11.97 -1.09
N PRO A 12 -3.29 11.86 -0.64
CA PRO A 12 -3.64 11.91 0.78
C PRO A 12 -3.15 10.67 1.54
N TYR A 13 -3.46 9.50 1.00
CA TYR A 13 -3.06 8.24 1.62
C TYR A 13 -2.01 7.53 0.77
N GLU A 14 -1.07 6.87 1.44
CA GLU A 14 -0.01 6.13 0.75
C GLU A 14 0.42 4.92 1.55
N CYS A 15 0.57 3.79 0.86
CA CYS A 15 0.98 2.55 1.50
C CYS A 15 2.49 2.50 1.68
N SER A 16 2.93 2.57 2.94
CA SER A 16 4.35 2.53 3.25
C SER A 16 4.86 1.09 3.34
N ILE A 17 4.21 0.20 2.60
CA ILE A 17 4.59 -1.21 2.59
C ILE A 17 5.11 -1.62 1.22
N CYS A 18 4.29 -1.43 0.19
CA CYS A 18 4.68 -1.79 -1.17
C CYS A 18 5.00 -0.53 -1.99
N GLY A 19 4.17 0.49 -1.82
CA GLY A 19 4.39 1.73 -2.55
C GLY A 19 3.18 2.12 -3.40
N LYS A 20 2.00 2.09 -2.79
CA LYS A 20 0.78 2.45 -3.49
C LYS A 20 0.20 3.76 -2.97
N SER A 21 -0.80 4.29 -3.66
CA SER A 21 -1.43 5.54 -3.27
C SER A 21 -2.91 5.53 -3.62
N PHE A 22 -3.74 6.01 -2.69
CA PHE A 22 -5.18 6.06 -2.90
C PHE A 22 -5.74 7.41 -2.46
N THR A 23 -6.78 7.87 -3.16
CA THR A 23 -7.41 9.14 -2.86
C THR A 23 -8.57 8.96 -1.88
N LYS A 24 -9.00 7.72 -1.70
CA LYS A 24 -10.10 7.42 -0.78
C LYS A 24 -9.66 6.40 0.27
N LYS A 25 -9.64 6.83 1.52
CA LYS A 25 -9.24 5.95 2.62
C LYS A 25 -9.81 4.56 2.43
N SER A 26 -11.08 4.48 2.07
CA SER A 26 -11.74 3.20 1.86
C SER A 26 -10.87 2.27 1.03
N GLN A 27 -10.30 2.81 -0.05
CA GLN A 27 -9.44 2.03 -0.93
C GLN A 27 -8.26 1.45 -0.17
N LEU A 28 -7.51 2.32 0.51
CA LEU A 28 -6.35 1.90 1.28
C LEU A 28 -6.70 0.75 2.23
N HIS A 29 -7.72 0.98 3.06
CA HIS A 29 -8.16 -0.03 4.01
C HIS A 29 -8.22 -1.41 3.35
N VAL A 30 -8.89 -1.49 2.20
CA VAL A 30 -9.03 -2.74 1.47
C VAL A 30 -7.68 -3.19 0.90
N HIS A 31 -6.93 -2.23 0.36
CA HIS A 31 -5.63 -2.54 -0.22
C HIS A 31 -4.74 -3.26 0.79
N GLN A 32 -4.80 -2.82 2.04
CA GLN A 32 -4.00 -3.42 3.10
C GLN A 32 -4.21 -4.94 3.15
N GLN A 33 -5.37 -5.38 2.68
CA GLN A 33 -5.71 -6.80 2.68
C GLN A 33 -4.66 -7.60 1.90
N ILE A 34 -4.09 -6.97 0.87
CA ILE A 34 -3.09 -7.63 0.05
C ILE A 34 -1.85 -7.99 0.87
N HIS A 35 -1.71 -7.34 2.02
CA HIS A 35 -0.58 -7.60 2.91
C HIS A 35 -1.02 -8.40 4.13
N THR A 36 -2.14 -9.10 4.01
CA THR A 36 -2.67 -9.91 5.11
C THR A 36 -3.42 -11.12 4.58
N GLY A 37 -2.94 -12.31 4.94
CA GLY A 37 -3.59 -13.53 4.50
C GLY A 37 -2.59 -14.64 4.25
N GLU A 38 -1.73 -14.47 3.24
CA GLU A 38 -0.73 -15.46 2.89
C GLU A 38 0.67 -14.96 3.20
N LYS A 39 1.37 -15.64 4.09
CA LYS A 39 2.73 -15.27 4.47
C LYS A 39 2.77 -13.82 4.95
N PRO A 40 1.90 -13.49 5.91
CA PRO A 40 1.83 -12.14 6.49
C PRO A 40 3.06 -11.80 7.32
N SER A 41 3.03 -10.61 7.94
CA SER A 41 4.15 -10.17 8.77
C SER A 41 3.73 -10.10 10.24
N GLY A 42 4.52 -10.76 11.10
CA GLY A 42 4.21 -10.76 12.51
C GLY A 42 5.34 -10.16 13.35
N PRO A 43 5.44 -8.82 13.32
CA PRO A 43 6.48 -8.10 14.06
C PRO A 43 6.24 -8.14 15.57
N SER A 44 7.09 -7.46 16.32
CA SER A 44 6.99 -7.42 17.77
C SER A 44 5.54 -7.15 18.20
N SER A 45 4.85 -8.21 18.63
CA SER A 45 3.47 -8.09 19.06
C SER A 45 3.39 -7.69 20.53
N GLY A 46 4.09 -8.43 21.38
CA GLY A 46 4.09 -8.13 22.80
C GLY A 46 4.24 -9.38 23.65
ZN ZN B . 0.57 -1.89 -0.19
N GLY A 1 6.58 -4.40 -8.41
CA GLY A 1 7.50 -3.80 -9.35
C GLY A 1 7.15 -2.36 -9.68
N SER A 2 5.87 -2.12 -9.94
CA SER A 2 5.40 -0.77 -10.27
C SER A 2 5.78 0.22 -9.18
N SER A 3 6.82 1.01 -9.43
CA SER A 3 7.28 2.00 -8.46
C SER A 3 6.15 2.92 -8.03
N GLY A 4 5.57 3.63 -8.99
CA GLY A 4 4.47 4.53 -8.69
C GLY A 4 3.97 5.26 -9.92
N SER A 5 2.89 6.04 -9.75
CA SER A 5 2.32 6.79 -10.86
C SER A 5 2.88 8.21 -10.90
N SER A 6 3.58 8.53 -11.99
CA SER A 6 4.17 9.85 -12.16
C SER A 6 3.26 10.75 -13.00
N GLY A 7 2.28 11.37 -12.36
CA GLY A 7 1.37 12.25 -13.07
C GLY A 7 1.45 13.68 -12.58
N THR A 8 0.53 14.05 -11.70
CA THR A 8 0.49 15.41 -11.15
C THR A 8 -0.32 15.45 -9.86
N GLY A 9 0.31 15.92 -8.78
CA GLY A 9 -0.37 16.01 -7.51
C GLY A 9 0.08 14.93 -6.54
N GLU A 10 -0.25 15.10 -5.26
CA GLU A 10 0.11 14.15 -4.23
C GLU A 10 -1.12 13.57 -3.55
N LYS A 11 -1.15 12.25 -3.39
CA LYS A 11 -2.27 11.58 -2.76
C LYS A 11 -2.17 11.65 -1.24
N PRO A 12 -3.33 11.79 -0.58
CA PRO A 12 -3.39 11.88 0.89
C PRO A 12 -3.03 10.55 1.56
N TYR A 13 -3.44 9.45 0.94
CA TYR A 13 -3.17 8.12 1.49
C TYR A 13 -2.08 7.42 0.69
N GLU A 14 -1.04 6.97 1.38
CA GLU A 14 0.06 6.28 0.74
C GLU A 14 0.51 5.07 1.56
N CYS A 15 0.52 3.91 0.94
CA CYS A 15 0.93 2.68 1.61
C CYS A 15 2.43 2.69 1.91
N SER A 16 2.82 1.99 2.96
CA SER A 16 4.23 1.92 3.35
C SER A 16 4.81 0.55 3.04
N ILE A 17 3.94 -0.46 2.96
CA ILE A 17 4.37 -1.81 2.66
C ILE A 17 4.99 -1.90 1.27
N CYS A 18 4.20 -1.55 0.26
CA CYS A 18 4.68 -1.60 -1.13
C CYS A 18 5.04 -0.20 -1.62
N GLY A 19 4.20 0.77 -1.29
CA GLY A 19 4.45 2.14 -1.70
C GLY A 19 3.36 2.68 -2.61
N LYS A 20 2.18 2.08 -2.52
CA LYS A 20 1.05 2.51 -3.34
C LYS A 20 0.40 3.76 -2.76
N SER A 21 -0.59 4.29 -3.47
CA SER A 21 -1.30 5.50 -3.02
C SER A 21 -2.75 5.47 -3.48
N PHE A 22 -3.63 6.04 -2.67
CA PHE A 22 -5.06 6.08 -2.98
C PHE A 22 -5.64 7.46 -2.69
N THR A 23 -6.85 7.70 -3.17
CA THR A 23 -7.52 8.98 -2.96
C THR A 23 -8.70 8.83 -2.01
N LYS A 24 -8.95 7.60 -1.57
CA LYS A 24 -10.06 7.32 -0.67
C LYS A 24 -9.63 6.36 0.44
N LYS A 25 -9.95 6.72 1.68
CA LYS A 25 -9.59 5.89 2.83
C LYS A 25 -9.98 4.44 2.59
N SER A 26 -11.19 4.24 2.07
CA SER A 26 -11.69 2.89 1.81
C SER A 26 -10.68 2.09 0.99
N GLN A 27 -10.23 2.68 -0.11
CA GLN A 27 -9.25 2.02 -0.98
C GLN A 27 -8.06 1.53 -0.18
N LEU A 28 -7.38 2.45 0.49
CA LEU A 28 -6.21 2.10 1.30
C LEU A 28 -6.52 0.95 2.23
N HIS A 29 -7.56 1.11 3.05
CA HIS A 29 -7.96 0.08 3.99
C HIS A 29 -8.12 -1.27 3.30
N VAL A 30 -8.75 -1.26 2.13
CA VAL A 30 -8.96 -2.48 1.36
C VAL A 30 -7.68 -2.92 0.67
N HIS A 31 -6.69 -2.04 0.64
CA HIS A 31 -5.40 -2.33 0.01
C HIS A 31 -4.45 -2.99 1.01
N GLN A 32 -4.51 -2.53 2.26
CA GLN A 32 -3.64 -3.07 3.31
C GLN A 32 -3.86 -4.57 3.47
N GLN A 33 -5.07 -5.03 3.15
CA GLN A 33 -5.40 -6.45 3.26
C GLN A 33 -4.79 -7.23 2.11
N ILE A 34 -4.50 -6.54 1.01
CA ILE A 34 -3.92 -7.19 -0.16
C ILE A 34 -2.54 -7.77 0.15
N HIS A 35 -1.95 -7.31 1.25
CA HIS A 35 -0.64 -7.79 1.66
C HIS A 35 -0.76 -8.92 2.68
N THR A 36 -1.28 -8.60 3.86
CA THR A 36 -1.45 -9.59 4.91
C THR A 36 -2.29 -10.77 4.44
N GLY A 37 -2.97 -10.58 3.31
CA GLY A 37 -3.80 -11.63 2.75
C GLY A 37 -3.00 -12.84 2.33
N GLU A 38 -2.08 -12.64 1.38
CA GLU A 38 -1.25 -13.73 0.89
C GLU A 38 0.23 -13.38 1.02
N LYS A 39 1.09 -14.36 0.78
CA LYS A 39 2.53 -14.16 0.86
C LYS A 39 3.26 -14.99 -0.19
N PRO A 40 4.28 -14.38 -0.82
CA PRO A 40 5.07 -15.04 -1.86
C PRO A 40 5.96 -16.15 -1.29
N SER A 41 6.60 -15.86 -0.17
CA SER A 41 7.48 -16.83 0.48
C SER A 41 6.72 -18.09 0.87
N GLY A 42 7.35 -19.25 0.68
CA GLY A 42 6.72 -20.50 1.01
C GLY A 42 7.68 -21.49 1.64
N PRO A 43 7.88 -21.36 2.97
CA PRO A 43 8.78 -22.23 3.72
C PRO A 43 8.23 -23.66 3.85
N SER A 44 8.97 -24.61 3.31
CA SER A 44 8.56 -26.01 3.36
C SER A 44 8.42 -26.49 4.80
N SER A 45 7.19 -26.81 5.19
CA SER A 45 6.91 -27.27 6.54
C SER A 45 7.67 -28.55 6.84
N GLY A 46 7.53 -29.54 5.97
CA GLY A 46 8.22 -30.81 6.16
C GLY A 46 7.38 -31.99 5.73
ZN ZN B . 0.61 -1.63 -0.30
N GLY A 1 9.82 11.36 8.77
CA GLY A 1 9.82 12.72 8.27
C GLY A 1 9.70 13.75 9.37
N SER A 2 10.75 14.54 9.54
CA SER A 2 10.76 15.57 10.58
C SER A 2 10.17 16.88 10.07
N SER A 3 10.55 17.25 8.84
CA SER A 3 10.05 18.48 8.24
C SER A 3 9.10 18.17 7.08
N GLY A 4 7.81 18.14 7.40
CA GLY A 4 6.81 17.85 6.38
C GLY A 4 6.43 16.39 6.34
N SER A 5 5.12 16.12 6.31
CA SER A 5 4.63 14.75 6.28
C SER A 5 3.93 14.46 4.95
N SER A 6 2.88 15.24 4.65
CA SER A 6 2.13 15.06 3.43
C SER A 6 2.55 16.09 2.38
N GLY A 7 2.41 17.37 2.73
CA GLY A 7 2.77 18.43 1.81
C GLY A 7 1.74 18.63 0.71
N THR A 8 2.18 19.19 -0.41
CA THR A 8 1.28 19.44 -1.54
C THR A 8 1.79 18.73 -2.80
N GLY A 9 0.94 17.89 -3.37
CA GLY A 9 1.31 17.17 -4.57
C GLY A 9 0.99 15.69 -4.49
N GLU A 10 1.67 14.99 -3.60
CA GLU A 10 1.46 13.56 -3.42
C GLU A 10 0.05 13.28 -2.89
N LYS A 11 -0.45 12.09 -3.18
CA LYS A 11 -1.78 11.69 -2.74
C LYS A 11 -1.91 11.79 -1.22
N PRO A 12 -3.14 11.95 -0.73
CA PRO A 12 -3.42 12.06 0.71
C PRO A 12 -3.20 10.74 1.44
N TYR A 13 -3.71 9.66 0.87
CA TYR A 13 -3.57 8.34 1.48
C TYR A 13 -2.63 7.47 0.66
N GLU A 14 -1.52 7.06 1.28
CA GLU A 14 -0.53 6.22 0.60
C GLU A 14 -0.25 4.96 1.41
N CYS A 15 0.07 3.87 0.72
CA CYS A 15 0.37 2.60 1.37
C CYS A 15 1.84 2.54 1.80
N SER A 16 2.06 2.51 3.12
CA SER A 16 3.40 2.46 3.66
C SER A 16 3.91 1.02 3.71
N ILE A 17 3.47 0.20 2.76
CA ILE A 17 3.87 -1.19 2.69
C ILE A 17 4.62 -1.49 1.40
N CYS A 18 3.93 -1.32 0.27
CA CYS A 18 4.53 -1.56 -1.04
C CYS A 18 4.91 -0.25 -1.72
N GLY A 19 3.97 0.69 -1.73
CA GLY A 19 4.22 1.99 -2.35
C GLY A 19 3.13 2.39 -3.30
N LYS A 20 1.88 2.38 -2.82
CA LYS A 20 0.73 2.75 -3.64
C LYS A 20 0.03 3.98 -3.07
N SER A 21 -0.92 4.51 -3.82
CA SER A 21 -1.67 5.69 -3.39
C SER A 21 -3.15 5.53 -3.68
N PHE A 22 -3.99 6.05 -2.79
CA PHE A 22 -5.44 5.96 -2.95
C PHE A 22 -6.11 7.26 -2.52
N THR A 23 -6.96 7.80 -3.39
CA THR A 23 -7.67 9.04 -3.11
C THR A 23 -8.73 8.83 -2.03
N LYS A 24 -9.05 7.58 -1.75
CA LYS A 24 -10.04 7.24 -0.74
C LYS A 24 -9.46 6.30 0.31
N LYS A 25 -9.24 6.83 1.51
CA LYS A 25 -8.68 6.04 2.60
C LYS A 25 -9.32 4.65 2.65
N SER A 26 -10.56 4.56 2.18
CA SER A 26 -11.28 3.29 2.18
C SER A 26 -10.57 2.26 1.31
N GLN A 27 -10.27 2.65 0.07
CA GLN A 27 -9.58 1.77 -0.86
C GLN A 27 -8.25 1.31 -0.30
N LEU A 28 -7.56 2.21 0.39
CA LEU A 28 -6.26 1.90 0.99
C LEU A 28 -6.39 0.78 2.00
N HIS A 29 -7.33 0.93 2.94
CA HIS A 29 -7.56 -0.08 3.97
C HIS A 29 -7.74 -1.46 3.34
N VAL A 30 -8.57 -1.54 2.31
CA VAL A 30 -8.84 -2.80 1.64
C VAL A 30 -7.61 -3.28 0.86
N HIS A 31 -6.68 -2.36 0.60
CA HIS A 31 -5.46 -2.69 -0.12
C HIS A 31 -4.39 -3.22 0.83
N GLN A 32 -4.30 -2.62 2.01
CA GLN A 32 -3.32 -3.05 3.00
C GLN A 32 -3.49 -4.52 3.34
N GLN A 33 -4.72 -5.01 3.24
CA GLN A 33 -5.02 -6.41 3.54
C GLN A 33 -4.51 -7.32 2.43
N ILE A 34 -4.28 -6.74 1.25
CA ILE A 34 -3.79 -7.50 0.11
C ILE A 34 -2.42 -8.11 0.40
N HIS A 35 -1.72 -7.52 1.36
CA HIS A 35 -0.39 -8.01 1.74
C HIS A 35 -0.49 -9.05 2.84
N THR A 36 -1.47 -9.93 2.72
CA THR A 36 -1.67 -10.99 3.71
C THR A 36 -1.30 -12.35 3.14
N GLY A 37 -1.55 -12.53 1.86
CA GLY A 37 -1.22 -13.80 1.21
C GLY A 37 -1.40 -14.99 2.14
N GLU A 38 -2.61 -15.52 2.18
CA GLU A 38 -2.91 -16.67 3.03
C GLU A 38 -2.23 -17.94 2.52
N LYS A 39 -1.40 -18.55 3.37
CA LYS A 39 -0.69 -19.76 2.99
C LYS A 39 -0.52 -20.68 4.20
N PRO A 40 -0.41 -21.99 3.94
CA PRO A 40 -0.23 -22.99 4.99
C PRO A 40 1.15 -22.92 5.65
N SER A 41 2.14 -22.48 4.88
CA SER A 41 3.50 -22.36 5.38
C SER A 41 3.78 -20.94 5.87
N GLY A 42 4.54 -20.83 6.95
CA GLY A 42 4.87 -19.53 7.50
C GLY A 42 6.35 -19.39 7.81
N PRO A 43 6.79 -18.14 8.01
CA PRO A 43 8.19 -17.83 8.33
C PRO A 43 8.59 -18.31 9.73
N SER A 44 9.06 -19.55 9.81
CA SER A 44 9.46 -20.12 11.10
C SER A 44 10.96 -19.92 11.32
N SER A 45 11.45 -18.73 11.01
CA SER A 45 12.85 -18.41 11.18
C SER A 45 13.42 -19.04 12.45
N GLY A 46 12.79 -18.73 13.58
CA GLY A 46 13.23 -19.28 14.85
C GLY A 46 12.40 -18.79 16.02
ZN ZN B . 0.37 -1.82 -0.55
N GLY A 1 20.84 14.02 7.54
CA GLY A 1 19.57 13.50 7.06
C GLY A 1 19.23 14.00 5.67
N SER A 2 20.12 13.78 4.72
CA SER A 2 19.91 14.21 3.34
C SER A 2 18.61 13.64 2.78
N SER A 3 18.46 12.33 2.90
CA SER A 3 17.26 11.65 2.40
C SER A 3 15.99 12.30 2.96
N GLY A 4 15.10 12.68 2.06
CA GLY A 4 13.85 13.32 2.49
C GLY A 4 13.41 14.42 1.54
N SER A 5 13.57 14.17 0.24
CA SER A 5 13.19 15.15 -0.77
C SER A 5 12.38 14.49 -1.89
N SER A 6 11.20 15.04 -2.17
CA SER A 6 10.33 14.50 -3.21
C SER A 6 9.72 15.62 -4.03
N GLY A 7 9.92 15.56 -5.35
CA GLY A 7 9.39 16.57 -6.23
C GLY A 7 7.91 16.37 -6.53
N THR A 8 7.62 15.62 -7.59
CA THR A 8 6.24 15.35 -7.97
C THR A 8 5.65 14.20 -7.17
N GLY A 9 4.34 14.23 -6.96
CA GLY A 9 3.69 13.18 -6.20
C GLY A 9 2.78 13.74 -5.11
N GLU A 10 1.47 13.62 -5.32
CA GLU A 10 0.50 14.11 -4.35
C GLU A 10 -0.60 13.08 -4.11
N LYS A 11 -0.79 12.72 -2.85
CA LYS A 11 -1.81 11.74 -2.48
C LYS A 11 -2.14 11.84 -0.99
N PRO A 12 -3.44 11.79 -0.67
CA PRO A 12 -3.92 11.86 0.72
C PRO A 12 -3.57 10.62 1.52
N TYR A 13 -3.68 9.45 0.87
CA TYR A 13 -3.38 8.19 1.53
C TYR A 13 -2.34 7.40 0.75
N GLU A 14 -1.17 7.21 1.36
CA GLU A 14 -0.08 6.48 0.71
C GLU A 14 0.30 5.25 1.53
N CYS A 15 0.48 4.12 0.85
CA CYS A 15 0.85 2.88 1.51
C CYS A 15 2.33 2.90 1.92
N SER A 16 2.66 2.13 2.95
CA SER A 16 4.03 2.07 3.44
C SER A 16 4.66 0.72 3.12
N ILE A 17 3.80 -0.30 2.99
CA ILE A 17 4.27 -1.65 2.68
C ILE A 17 4.90 -1.71 1.30
N CYS A 18 4.14 -1.33 0.28
CA CYS A 18 4.62 -1.34 -1.09
C CYS A 18 4.95 0.07 -1.56
N GLY A 19 4.07 1.02 -1.25
CA GLY A 19 4.29 2.40 -1.64
C GLY A 19 3.16 2.94 -2.50
N LYS A 20 2.12 2.14 -2.69
CA LYS A 20 0.97 2.54 -3.49
C LYS A 20 0.33 3.80 -2.91
N SER A 21 -0.74 4.26 -3.55
CA SER A 21 -1.44 5.46 -3.11
C SER A 21 -2.91 5.40 -3.50
N PHE A 22 -3.77 6.00 -2.68
CA PHE A 22 -5.20 6.02 -2.94
C PHE A 22 -5.81 7.37 -2.57
N THR A 23 -6.86 7.76 -3.27
CA THR A 23 -7.53 9.03 -3.01
C THR A 23 -8.63 8.86 -1.97
N LYS A 24 -9.00 7.61 -1.70
CA LYS A 24 -10.04 7.31 -0.73
C LYS A 24 -9.50 6.45 0.41
N LYS A 25 -9.69 6.91 1.64
CA LYS A 25 -9.22 6.19 2.81
C LYS A 25 -9.66 4.73 2.76
N SER A 26 -10.92 4.51 2.38
CA SER A 26 -11.47 3.16 2.30
C SER A 26 -10.64 2.30 1.36
N GLN A 27 -10.30 2.86 0.19
CA GLN A 27 -9.51 2.13 -0.80
C GLN A 27 -8.25 1.55 -0.16
N LEU A 28 -7.52 2.38 0.58
CA LEU A 28 -6.29 1.95 1.24
C LEU A 28 -6.56 0.78 2.18
N HIS A 29 -7.52 0.96 3.09
CA HIS A 29 -7.88 -0.07 4.05
C HIS A 29 -8.02 -1.43 3.36
N VAL A 30 -8.80 -1.48 2.29
CA VAL A 30 -9.01 -2.70 1.53
C VAL A 30 -7.72 -3.17 0.88
N HIS A 31 -6.93 -2.22 0.41
CA HIS A 31 -5.66 -2.54 -0.24
C HIS A 31 -4.74 -3.30 0.70
N GLN A 32 -4.45 -2.71 1.86
CA GLN A 32 -3.59 -3.33 2.85
C GLN A 32 -3.84 -4.82 2.93
N GLN A 33 -5.11 -5.22 2.79
CA GLN A 33 -5.49 -6.61 2.86
C GLN A 33 -4.58 -7.47 1.97
N ILE A 34 -4.35 -6.99 0.75
CA ILE A 34 -3.49 -7.71 -0.20
C ILE A 34 -2.19 -8.14 0.46
N HIS A 35 -1.71 -7.34 1.41
CA HIS A 35 -0.47 -7.63 2.11
C HIS A 35 -0.69 -8.69 3.18
N THR A 36 -1.62 -8.42 4.09
CA THR A 36 -1.93 -9.36 5.17
C THR A 36 -2.77 -10.53 4.65
N GLY A 37 -2.30 -11.75 4.92
CA GLY A 37 -3.02 -12.93 4.48
C GLY A 37 -3.49 -13.78 5.64
N GLU A 38 -4.17 -13.15 6.60
CA GLU A 38 -4.67 -13.87 7.77
C GLU A 38 -3.53 -14.49 8.56
N LYS A 39 -2.46 -13.72 8.75
CA LYS A 39 -1.30 -14.19 9.49
C LYS A 39 -1.47 -13.92 10.99
N PRO A 40 -0.85 -14.78 11.82
CA PRO A 40 -0.92 -14.66 13.27
C PRO A 40 -0.14 -13.45 13.79
N SER A 41 -0.14 -13.27 15.11
CA SER A 41 0.57 -12.16 15.72
C SER A 41 1.61 -12.66 16.72
N GLY A 42 2.57 -11.80 17.04
CA GLY A 42 3.62 -12.18 17.98
C GLY A 42 4.39 -10.98 18.50
N PRO A 43 5.51 -10.65 17.85
CA PRO A 43 6.35 -9.53 18.24
C PRO A 43 5.69 -8.17 17.97
N SER A 44 4.45 -8.23 17.48
CA SER A 44 3.71 -7.01 17.17
C SER A 44 4.04 -5.90 18.16
N SER A 45 3.99 -6.23 19.45
CA SER A 45 4.28 -5.26 20.49
C SER A 45 5.08 -5.91 21.63
N GLY A 46 5.83 -5.08 22.35
CA GLY A 46 6.64 -5.59 23.45
C GLY A 46 5.79 -6.23 24.54
ZN ZN B . 0.60 -1.69 -0.17
N GLY A 1 18.05 14.77 -20.79
CA GLY A 1 19.34 15.14 -20.24
C GLY A 1 19.50 14.72 -18.79
N SER A 2 18.68 15.30 -17.92
CA SER A 2 18.74 14.98 -16.50
C SER A 2 17.47 14.29 -16.04
N SER A 3 17.48 13.78 -14.82
CA SER A 3 16.33 13.08 -14.26
C SER A 3 15.79 13.82 -13.03
N GLY A 4 14.96 14.83 -13.26
CA GLY A 4 14.39 15.60 -12.18
C GLY A 4 13.02 15.09 -11.76
N SER A 5 12.93 13.79 -11.50
CA SER A 5 11.67 13.18 -11.10
C SER A 5 11.40 13.42 -9.61
N SER A 6 10.64 14.48 -9.33
CA SER A 6 10.29 14.83 -7.96
C SER A 6 8.79 14.67 -7.71
N GLY A 7 8.43 14.53 -6.44
CA GLY A 7 7.02 14.37 -6.09
C GLY A 7 6.31 13.38 -6.99
N THR A 8 6.65 12.11 -6.87
CA THR A 8 6.04 11.06 -7.68
C THR A 8 4.57 10.87 -7.31
N GLY A 9 4.17 11.42 -6.18
CA GLY A 9 2.80 11.31 -5.73
C GLY A 9 2.50 12.16 -4.52
N GLU A 10 1.35 12.83 -4.54
CA GLU A 10 0.95 13.69 -3.43
C GLU A 10 -0.40 13.27 -2.87
N LYS A 11 -0.84 12.07 -3.25
CA LYS A 11 -2.12 11.54 -2.78
C LYS A 11 -2.26 11.69 -1.27
N PRO A 12 -3.50 11.86 -0.80
CA PRO A 12 -3.79 12.03 0.63
C PRO A 12 -3.56 10.74 1.42
N TYR A 13 -3.66 9.60 0.72
CA TYR A 13 -3.46 8.30 1.36
C TYR A 13 -2.44 7.48 0.59
N GLU A 14 -1.34 7.14 1.26
CA GLU A 14 -0.28 6.34 0.63
C GLU A 14 0.04 5.11 1.48
N CYS A 15 0.30 4.00 0.81
CA CYS A 15 0.63 2.75 1.50
C CYS A 15 2.10 2.70 1.88
N SER A 16 2.38 2.71 3.17
CA SER A 16 3.76 2.68 3.66
C SER A 16 4.26 1.24 3.75
N ILE A 17 3.70 0.37 2.92
CA ILE A 17 4.10 -1.03 2.90
C ILE A 17 4.79 -1.39 1.59
N CYS A 18 4.05 -1.26 0.48
CA CYS A 18 4.59 -1.58 -0.83
C CYS A 18 5.00 -0.30 -1.57
N GLY A 19 4.11 0.68 -1.57
CA GLY A 19 4.39 1.94 -2.24
C GLY A 19 3.28 2.36 -3.18
N LYS A 20 2.03 2.17 -2.75
CA LYS A 20 0.88 2.53 -3.57
C LYS A 20 0.26 3.84 -3.09
N SER A 21 -0.79 4.27 -3.76
CA SER A 21 -1.48 5.51 -3.40
C SER A 21 -2.97 5.42 -3.72
N PHE A 22 -3.78 6.04 -2.86
CA PHE A 22 -5.23 6.03 -3.05
C PHE A 22 -5.84 7.36 -2.61
N THR A 23 -6.90 7.77 -3.29
CA THR A 23 -7.58 9.02 -2.97
C THR A 23 -8.76 8.78 -2.03
N LYS A 24 -8.85 7.57 -1.49
CA LYS A 24 -9.93 7.22 -0.57
C LYS A 24 -9.40 6.37 0.57
N LYS A 25 -9.58 6.85 1.80
CA LYS A 25 -9.13 6.12 2.98
C LYS A 25 -9.57 4.67 2.92
N SER A 26 -10.79 4.44 2.47
CA SER A 26 -11.34 3.09 2.37
C SER A 26 -10.52 2.24 1.40
N GLN A 27 -10.18 2.83 0.26
CA GLN A 27 -9.39 2.14 -0.75
C GLN A 27 -8.10 1.57 -0.16
N LEU A 28 -7.36 2.44 0.52
CA LEU A 28 -6.10 2.04 1.15
C LEU A 28 -6.32 0.91 2.15
N HIS A 29 -7.26 1.11 3.07
CA HIS A 29 -7.57 0.11 4.08
C HIS A 29 -7.83 -1.25 3.43
N VAL A 30 -8.59 -1.25 2.34
CA VAL A 30 -8.92 -2.49 1.63
C VAL A 30 -7.69 -3.06 0.94
N HIS A 31 -6.88 -2.17 0.36
CA HIS A 31 -5.67 -2.58 -0.34
C HIS A 31 -4.71 -3.29 0.61
N GLN A 32 -4.47 -2.69 1.77
CA GLN A 32 -3.57 -3.26 2.77
C GLN A 32 -3.83 -4.75 2.94
N GLN A 33 -5.07 -5.17 2.67
CA GLN A 33 -5.45 -6.57 2.79
C GLN A 33 -4.59 -7.45 1.89
N ILE A 34 -4.34 -6.97 0.68
CA ILE A 34 -3.53 -7.71 -0.28
C ILE A 34 -2.20 -8.14 0.33
N HIS A 35 -1.78 -7.43 1.36
CA HIS A 35 -0.52 -7.73 2.04
C HIS A 35 -0.69 -8.91 2.99
N THR A 36 -1.72 -8.83 3.85
CA THR A 36 -1.98 -9.90 4.81
C THR A 36 -2.69 -11.08 4.15
N GLY A 37 -2.16 -12.28 4.38
CA GLY A 37 -2.76 -13.47 3.80
C GLY A 37 -1.77 -14.59 3.62
N GLU A 38 -0.63 -14.29 2.99
CA GLU A 38 0.41 -15.28 2.76
C GLU A 38 1.79 -14.66 2.88
N LYS A 39 2.59 -15.17 3.80
CA LYS A 39 3.94 -14.66 4.02
C LYS A 39 4.95 -15.81 4.08
N PRO A 40 5.34 -16.31 2.91
CA PRO A 40 6.31 -17.42 2.80
C PRO A 40 7.72 -17.00 3.22
N SER A 41 8.13 -15.81 2.78
CA SER A 41 9.45 -15.29 3.11
C SER A 41 9.50 -14.78 4.54
N GLY A 42 10.71 -14.68 5.09
CA GLY A 42 10.87 -14.20 6.45
C GLY A 42 12.16 -13.43 6.64
N PRO A 43 12.16 -12.16 6.24
CA PRO A 43 13.33 -11.28 6.35
C PRO A 43 13.64 -10.93 7.80
N SER A 44 14.70 -10.14 8.01
CA SER A 44 15.10 -9.74 9.35
C SER A 44 14.41 -8.44 9.75
N SER A 45 14.67 -7.37 9.00
CA SER A 45 14.07 -6.07 9.27
C SER A 45 13.09 -5.67 8.18
N GLY A 46 13.59 -5.59 6.95
CA GLY A 46 12.76 -5.22 5.83
C GLY A 46 13.34 -4.09 5.02
ZN ZN B . 0.45 -1.67 -0.23
N GLY A 1 11.57 3.51 -7.75
CA GLY A 1 12.28 4.31 -8.74
C GLY A 1 13.39 5.14 -8.13
N SER A 2 13.99 6.01 -8.93
CA SER A 2 15.08 6.86 -8.46
C SER A 2 14.87 8.30 -8.93
N SER A 3 14.48 8.46 -10.19
CA SER A 3 14.26 9.79 -10.76
C SER A 3 12.77 10.11 -10.81
N GLY A 4 11.96 9.11 -11.15
CA GLY A 4 10.53 9.31 -11.23
C GLY A 4 10.09 9.87 -12.57
N SER A 5 8.92 10.49 -12.60
CA SER A 5 8.39 11.07 -13.82
C SER A 5 7.51 12.27 -13.52
N SER A 6 7.28 13.10 -14.54
CA SER A 6 6.45 14.29 -14.39
C SER A 6 4.99 13.93 -14.19
N GLY A 7 4.39 14.45 -13.13
CA GLY A 7 2.99 14.17 -12.85
C GLY A 7 2.48 14.94 -11.64
N THR A 8 1.85 16.08 -11.90
CA THR A 8 1.31 16.91 -10.83
C THR A 8 0.10 16.25 -10.18
N GLY A 9 0.27 15.79 -8.94
CA GLY A 9 -0.81 15.15 -8.22
C GLY A 9 -0.33 14.47 -6.95
N GLU A 10 -0.78 14.99 -5.80
CA GLU A 10 -0.40 14.43 -4.52
C GLU A 10 -1.58 13.71 -3.87
N LYS A 11 -1.38 12.42 -3.56
CA LYS A 11 -2.42 11.62 -2.94
C LYS A 11 -2.45 11.84 -1.43
N PRO A 12 -3.66 11.83 -0.86
CA PRO A 12 -3.85 12.03 0.58
C PRO A 12 -3.35 10.84 1.40
N TYR A 13 -3.33 9.67 0.78
CA TYR A 13 -2.87 8.45 1.45
C TYR A 13 -1.73 7.80 0.68
N GLU A 14 -0.95 6.99 1.37
CA GLU A 14 0.19 6.29 0.76
C GLU A 14 0.64 5.13 1.62
N CYS A 15 0.68 3.93 1.02
CA CYS A 15 1.10 2.74 1.72
C CYS A 15 2.61 2.73 1.95
N SER A 16 3.05 2.04 2.99
CA SER A 16 4.47 1.96 3.32
C SER A 16 5.03 0.58 2.97
N ILE A 17 4.18 -0.43 3.07
CA ILE A 17 4.59 -1.80 2.76
C ILE A 17 5.10 -1.91 1.33
N CYS A 18 4.22 -1.59 0.38
CA CYS A 18 4.58 -1.66 -1.04
C CYS A 18 4.97 -0.27 -1.57
N GLY A 19 4.20 0.73 -1.17
CA GLY A 19 4.49 2.09 -1.62
C GLY A 19 3.42 2.62 -2.56
N LYS A 20 2.20 2.12 -2.42
CA LYS A 20 1.08 2.54 -3.26
C LYS A 20 0.49 3.84 -2.73
N SER A 21 -0.43 4.42 -3.52
CA SER A 21 -1.08 5.67 -3.13
C SER A 21 -2.56 5.63 -3.46
N PHE A 22 -3.38 6.18 -2.57
CA PHE A 22 -4.82 6.21 -2.77
C PHE A 22 -5.40 7.58 -2.41
N THR A 23 -6.62 7.83 -2.85
CA THR A 23 -7.29 9.10 -2.57
C THR A 23 -8.54 8.90 -1.73
N LYS A 24 -8.67 7.71 -1.15
CA LYS A 24 -9.83 7.39 -0.32
C LYS A 24 -9.45 6.36 0.74
N LYS A 25 -9.72 6.71 2.00
CA LYS A 25 -9.41 5.83 3.12
C LYS A 25 -9.90 4.42 2.84
N SER A 26 -11.09 4.31 2.26
CA SER A 26 -11.67 3.00 1.95
C SER A 26 -10.77 2.22 1.01
N GLN A 27 -10.28 2.89 -0.04
CA GLN A 27 -9.40 2.26 -1.01
C GLN A 27 -8.16 1.68 -0.33
N LEU A 28 -7.47 2.52 0.43
CA LEU A 28 -6.26 2.08 1.13
C LEU A 28 -6.57 0.93 2.07
N HIS A 29 -7.61 1.08 2.89
CA HIS A 29 -8.01 0.05 3.84
C HIS A 29 -8.12 -1.30 3.14
N VAL A 30 -8.86 -1.34 2.03
CA VAL A 30 -9.04 -2.57 1.28
C VAL A 30 -7.72 -3.10 0.76
N HIS A 31 -6.90 -2.21 0.20
CA HIS A 31 -5.60 -2.60 -0.35
C HIS A 31 -4.79 -3.37 0.69
N GLN A 32 -4.64 -2.78 1.87
CA GLN A 32 -3.89 -3.40 2.94
C GLN A 32 -4.15 -4.91 3.00
N GLN A 33 -5.40 -5.28 2.75
CA GLN A 33 -5.78 -6.69 2.76
C GLN A 33 -4.81 -7.53 1.95
N ILE A 34 -4.49 -7.06 0.76
CA ILE A 34 -3.56 -7.78 -0.12
C ILE A 34 -2.33 -8.23 0.64
N HIS A 35 -1.92 -7.44 1.63
CA HIS A 35 -0.75 -7.76 2.43
C HIS A 35 -1.10 -8.78 3.50
N THR A 36 -2.18 -8.52 4.23
CA THR A 36 -2.63 -9.42 5.29
C THR A 36 -3.38 -10.61 4.73
N GLY A 37 -2.84 -11.21 3.67
CA GLY A 37 -3.49 -12.35 3.06
C GLY A 37 -2.49 -13.33 2.46
N GLU A 38 -2.20 -14.40 3.20
CA GLU A 38 -1.26 -15.41 2.74
C GLU A 38 -1.99 -16.67 2.30
N LYS A 39 -1.25 -17.57 1.64
CA LYS A 39 -1.83 -18.83 1.17
C LYS A 39 -3.16 -18.57 0.45
N PRO A 40 -3.14 -17.69 -0.56
CA PRO A 40 -4.32 -17.35 -1.34
C PRO A 40 -4.78 -18.49 -2.24
N SER A 41 -5.78 -18.22 -3.07
CA SER A 41 -6.31 -19.23 -3.98
C SER A 41 -5.70 -19.08 -5.37
N GLY A 42 -5.35 -20.21 -5.99
CA GLY A 42 -4.77 -20.18 -7.31
C GLY A 42 -5.38 -21.22 -8.23
N PRO A 43 -4.68 -21.53 -9.33
CA PRO A 43 -5.14 -22.52 -10.31
C PRO A 43 -5.12 -23.94 -9.77
N SER A 44 -4.47 -24.12 -8.62
CA SER A 44 -4.38 -25.44 -8.00
C SER A 44 -5.51 -25.64 -7.00
N SER A 45 -6.69 -26.01 -7.51
CA SER A 45 -7.85 -26.23 -6.66
C SER A 45 -8.13 -27.72 -6.50
N GLY A 46 -8.68 -28.10 -5.35
CA GLY A 46 -8.98 -29.49 -5.09
C GLY A 46 -10.02 -30.05 -6.05
ZN ZN B . 0.63 -1.71 0.20
N GLY A 1 14.57 -0.33 -20.50
CA GLY A 1 14.06 -0.68 -19.18
C GLY A 1 15.01 -0.27 -18.07
N SER A 2 15.35 1.02 -18.04
CA SER A 2 16.25 1.54 -17.02
C SER A 2 15.55 2.57 -16.14
N SER A 3 15.06 3.64 -16.75
CA SER A 3 14.37 4.69 -16.03
C SER A 3 12.93 4.30 -15.75
N GLY A 4 12.65 3.94 -14.49
CA GLY A 4 11.31 3.55 -14.11
C GLY A 4 11.14 3.45 -12.61
N SER A 5 10.89 4.59 -11.96
CA SER A 5 10.71 4.61 -10.52
C SER A 5 9.41 5.30 -10.14
N SER A 6 8.45 4.51 -9.64
CA SER A 6 7.15 5.04 -9.24
C SER A 6 7.25 5.76 -7.91
N GLY A 7 6.36 6.74 -7.70
CA GLY A 7 6.36 7.49 -6.46
C GLY A 7 6.09 8.97 -6.68
N THR A 8 6.72 9.54 -7.70
CA THR A 8 6.55 10.95 -8.02
C THR A 8 5.07 11.34 -7.98
N GLY A 9 4.76 12.36 -7.18
CA GLY A 9 3.39 12.82 -7.07
C GLY A 9 3.05 13.29 -5.68
N GLU A 10 1.75 13.34 -5.36
CA GLU A 10 1.30 13.77 -4.05
C GLU A 10 -0.17 13.40 -3.82
N LYS A 11 -0.40 12.49 -2.89
CA LYS A 11 -1.75 12.03 -2.58
C LYS A 11 -2.00 12.07 -1.07
N PRO A 12 -3.29 12.05 -0.69
CA PRO A 12 -3.68 12.06 0.72
C PRO A 12 -3.35 10.76 1.44
N TYR A 13 -3.71 9.64 0.80
CA TYR A 13 -3.44 8.33 1.38
C TYR A 13 -2.37 7.59 0.58
N GLU A 14 -1.38 7.04 1.29
CA GLU A 14 -0.30 6.31 0.65
C GLU A 14 0.08 5.07 1.46
N CYS A 15 0.40 3.99 0.77
CA CYS A 15 0.78 2.74 1.42
C CYS A 15 2.26 2.75 1.79
N SER A 16 2.54 2.73 3.09
CA SER A 16 3.92 2.73 3.58
C SER A 16 4.47 1.31 3.65
N ILE A 17 3.92 0.43 2.82
CA ILE A 17 4.36 -0.97 2.79
C ILE A 17 5.01 -1.31 1.46
N CYS A 18 4.25 -1.18 0.39
CA CYS A 18 4.75 -1.48 -0.95
C CYS A 18 5.08 -0.19 -1.71
N GLY A 19 4.22 0.80 -1.56
CA GLY A 19 4.44 2.07 -2.23
C GLY A 19 3.25 2.52 -3.06
N LYS A 20 2.08 1.98 -2.73
CA LYS A 20 0.86 2.31 -3.45
C LYS A 20 0.31 3.66 -2.98
N SER A 21 -0.87 4.03 -3.49
CA SER A 21 -1.49 5.29 -3.14
C SER A 21 -2.96 5.30 -3.54
N PHE A 22 -3.79 5.98 -2.74
CA PHE A 22 -5.21 6.06 -3.02
C PHE A 22 -5.78 7.39 -2.54
N THR A 23 -6.92 7.78 -3.09
CA THR A 23 -7.57 9.03 -2.73
C THR A 23 -8.81 8.79 -1.89
N LYS A 24 -8.88 7.60 -1.27
CA LYS A 24 -10.01 7.25 -0.42
C LYS A 24 -9.57 6.31 0.70
N LYS A 25 -9.67 6.80 1.93
CA LYS A 25 -9.29 6.01 3.10
C LYS A 25 -9.83 4.58 2.99
N SER A 26 -11.06 4.45 2.51
CA SER A 26 -11.67 3.14 2.36
C SER A 26 -10.88 2.27 1.38
N GLN A 27 -10.49 2.86 0.25
CA GLN A 27 -9.73 2.14 -0.76
C GLN A 27 -8.44 1.56 -0.16
N LEU A 28 -7.68 2.42 0.51
CA LEU A 28 -6.42 1.99 1.13
C LEU A 28 -6.66 0.81 2.07
N HIS A 29 -7.62 0.97 2.97
CA HIS A 29 -7.94 -0.09 3.93
C HIS A 29 -8.06 -1.44 3.23
N VAL A 30 -8.81 -1.48 2.15
CA VAL A 30 -9.00 -2.72 1.39
C VAL A 30 -7.69 -3.19 0.78
N HIS A 31 -6.89 -2.25 0.31
CA HIS A 31 -5.60 -2.58 -0.30
C HIS A 31 -4.71 -3.33 0.68
N GLN A 32 -4.59 -2.81 1.90
CA GLN A 32 -3.78 -3.45 2.92
C GLN A 32 -3.97 -4.96 2.92
N GLN A 33 -5.19 -5.39 2.64
CA GLN A 33 -5.51 -6.82 2.60
C GLN A 33 -4.51 -7.58 1.76
N ILE A 34 -4.17 -7.01 0.59
CA ILE A 34 -3.21 -7.64 -0.31
C ILE A 34 -1.95 -8.07 0.44
N HIS A 35 -1.67 -7.39 1.55
CA HIS A 35 -0.50 -7.69 2.35
C HIS A 35 -0.85 -8.65 3.49
N THR A 36 -1.76 -9.58 3.23
CA THR A 36 -2.18 -10.55 4.23
C THR A 36 -3.13 -11.58 3.63
N GLY A 37 -3.03 -12.82 4.11
CA GLY A 37 -3.89 -13.88 3.62
C GLY A 37 -3.10 -14.94 2.85
N GLU A 38 -3.41 -16.20 3.12
CA GLU A 38 -2.74 -17.31 2.46
C GLU A 38 -1.23 -17.23 2.67
N LYS A 39 -0.82 -16.95 3.90
CA LYS A 39 0.59 -16.84 4.23
C LYS A 39 1.31 -18.18 4.03
N PRO A 40 2.54 -18.12 3.52
CA PRO A 40 3.35 -19.31 3.26
C PRO A 40 3.80 -19.99 4.55
N SER A 41 3.09 -21.04 4.95
CA SER A 41 3.41 -21.77 6.17
C SER A 41 4.59 -22.71 5.93
N GLY A 42 5.40 -22.91 6.97
CA GLY A 42 6.55 -23.79 6.86
C GLY A 42 7.58 -23.27 5.87
N PRO A 43 8.63 -24.07 5.62
CA PRO A 43 9.70 -23.72 4.69
C PRO A 43 9.23 -23.71 3.23
N SER A 44 9.17 -22.53 2.65
CA SER A 44 8.73 -22.39 1.26
C SER A 44 9.75 -23.01 0.31
N SER A 45 9.27 -23.86 -0.60
CA SER A 45 10.13 -24.51 -1.57
C SER A 45 11.08 -23.52 -2.22
N GLY A 46 12.36 -23.88 -2.27
CA GLY A 46 13.36 -23.01 -2.87
C GLY A 46 14.60 -22.87 -2.02
ZN ZN B . 0.59 -1.77 -0.26
N GLY A 1 21.08 1.93 -2.25
CA GLY A 1 20.35 0.75 -1.83
C GLY A 1 18.97 0.68 -2.45
N SER A 2 18.00 1.29 -1.77
CA SER A 2 16.62 1.29 -2.25
C SER A 2 16.38 2.43 -3.24
N SER A 3 15.61 2.16 -4.28
CA SER A 3 15.31 3.16 -5.30
C SER A 3 13.80 3.30 -5.50
N GLY A 4 13.36 4.50 -5.83
CA GLY A 4 11.95 4.76 -6.04
C GLY A 4 11.66 6.20 -6.41
N SER A 5 12.08 6.59 -7.62
CA SER A 5 11.87 7.95 -8.09
C SER A 5 10.87 7.98 -9.23
N SER A 6 9.58 8.07 -8.88
CA SER A 6 8.51 8.09 -9.88
C SER A 6 8.34 9.50 -10.44
N GLY A 7 8.26 10.49 -9.56
CA GLY A 7 8.10 11.86 -9.99
C GLY A 7 6.91 12.54 -9.32
N THR A 8 5.75 11.90 -9.40
CA THR A 8 4.54 12.45 -8.80
C THR A 8 4.01 11.55 -7.70
N GLY A 9 3.28 12.14 -6.76
CA GLY A 9 2.73 11.37 -5.66
C GLY A 9 2.24 12.25 -4.53
N GLU A 10 1.46 13.27 -4.87
CA GLU A 10 0.93 14.20 -3.88
C GLU A 10 -0.47 13.77 -3.43
N LYS A 11 -0.68 12.46 -3.34
CA LYS A 11 -1.98 11.92 -2.92
C LYS A 11 -2.18 12.09 -1.43
N PRO A 12 -3.45 12.04 -0.99
CA PRO A 12 -3.82 12.19 0.41
C PRO A 12 -3.38 10.99 1.25
N TYR A 13 -3.65 9.79 0.75
CA TYR A 13 -3.28 8.57 1.46
C TYR A 13 -2.25 7.77 0.67
N GLU A 14 -1.43 7.00 1.38
CA GLU A 14 -0.40 6.18 0.75
C GLU A 14 -0.12 4.93 1.56
N CYS A 15 0.35 3.89 0.89
CA CYS A 15 0.66 2.63 1.55
C CYS A 15 2.14 2.57 1.94
N SER A 16 2.40 2.57 3.25
CA SER A 16 3.76 2.53 3.76
C SER A 16 4.26 1.09 3.82
N ILE A 17 3.79 0.25 2.92
CA ILE A 17 4.18 -1.15 2.87
C ILE A 17 4.90 -1.48 1.57
N CYS A 18 4.21 -1.29 0.45
CA CYS A 18 4.77 -1.57 -0.86
C CYS A 18 5.13 -0.28 -1.58
N GLY A 19 4.18 0.66 -1.61
CA GLY A 19 4.42 1.93 -2.26
C GLY A 19 3.29 2.31 -3.19
N LYS A 20 2.07 2.33 -2.67
CA LYS A 20 0.90 2.68 -3.47
C LYS A 20 0.23 3.92 -2.92
N SER A 21 -0.72 4.47 -3.69
CA SER A 21 -1.43 5.68 -3.28
C SER A 21 -2.91 5.56 -3.62
N PHE A 22 -3.77 5.96 -2.68
CA PHE A 22 -5.21 5.90 -2.87
C PHE A 22 -5.87 7.21 -2.46
N THR A 23 -6.87 7.63 -3.23
CA THR A 23 -7.58 8.87 -2.95
C THR A 23 -8.81 8.62 -2.08
N LYS A 24 -8.80 7.49 -1.38
CA LYS A 24 -9.92 7.13 -0.51
C LYS A 24 -9.44 6.26 0.65
N LYS A 25 -9.59 6.79 1.87
CA LYS A 25 -9.17 6.07 3.07
C LYS A 25 -9.63 4.61 3.00
N SER A 26 -10.87 4.40 2.58
CA SER A 26 -11.42 3.05 2.48
C SER A 26 -10.63 2.23 1.46
N GLN A 27 -10.32 2.83 0.33
CA GLN A 27 -9.58 2.15 -0.73
C GLN A 27 -8.25 1.62 -0.21
N LEU A 28 -7.50 2.49 0.47
CA LEU A 28 -6.21 2.10 1.02
C LEU A 28 -6.36 0.97 2.02
N HIS A 29 -7.26 1.13 2.98
CA HIS A 29 -7.51 0.11 3.99
C HIS A 29 -7.74 -1.25 3.34
N VAL A 30 -8.61 -1.28 2.34
CA VAL A 30 -8.92 -2.52 1.64
C VAL A 30 -7.68 -3.09 0.95
N HIS A 31 -6.88 -2.21 0.37
CA HIS A 31 -5.66 -2.63 -0.32
C HIS A 31 -4.74 -3.39 0.62
N GLN A 32 -4.60 -2.88 1.85
CA GLN A 32 -3.75 -3.52 2.84
C GLN A 32 -4.00 -5.01 2.91
N GLN A 33 -5.25 -5.41 2.63
CA GLN A 33 -5.62 -6.82 2.67
C GLN A 33 -4.70 -7.65 1.77
N ILE A 34 -4.30 -7.06 0.65
CA ILE A 34 -3.42 -7.75 -0.30
C ILE A 34 -2.15 -8.23 0.39
N HIS A 35 -1.69 -7.47 1.38
CA HIS A 35 -0.48 -7.83 2.12
C HIS A 35 -0.77 -8.93 3.13
N THR A 36 -1.49 -8.58 4.20
CA THR A 36 -1.82 -9.54 5.23
C THR A 36 -2.14 -10.91 4.64
N GLY A 37 -1.43 -11.93 5.13
CA GLY A 37 -1.66 -13.28 4.63
C GLY A 37 -0.35 -14.02 4.40
N GLU A 38 0.33 -13.70 3.30
CA GLU A 38 1.59 -14.35 2.96
C GLU A 38 2.61 -13.33 2.48
N LYS A 39 3.61 -13.07 3.32
CA LYS A 39 4.66 -12.11 2.99
C LYS A 39 5.93 -12.83 2.58
N PRO A 40 6.60 -12.30 1.53
CA PRO A 40 7.85 -12.88 1.03
C PRO A 40 9.01 -12.69 1.99
N SER A 41 10.10 -13.42 1.74
CA SER A 41 11.29 -13.34 2.60
C SER A 41 12.50 -12.89 1.79
N GLY A 42 12.90 -11.63 2.00
CA GLY A 42 14.05 -11.10 1.28
C GLY A 42 14.90 -10.20 2.15
N PRO A 43 15.87 -10.80 2.86
CA PRO A 43 16.77 -10.06 3.75
C PRO A 43 17.74 -9.17 2.98
N SER A 44 18.26 -8.15 3.64
CA SER A 44 19.21 -7.22 3.03
C SER A 44 20.56 -7.27 3.73
N SER A 45 21.61 -6.98 2.97
CA SER A 45 22.96 -7.00 3.51
C SER A 45 23.12 -5.96 4.61
N GLY A 46 24.03 -6.22 5.55
CA GLY A 46 24.25 -5.30 6.65
C GLY A 46 24.91 -4.01 6.20
ZN ZN B . 0.64 -1.83 -0.27
N GLY A 1 26.72 0.65 -0.38
CA GLY A 1 25.93 1.80 -0.77
C GLY A 1 24.46 1.47 -0.91
N SER A 2 23.69 1.75 0.14
CA SER A 2 22.26 1.47 0.14
C SER A 2 21.46 2.71 0.51
N SER A 3 21.02 3.44 -0.50
CA SER A 3 20.24 4.67 -0.28
C SER A 3 19.33 4.95 -1.46
N GLY A 4 18.16 5.51 -1.18
CA GLY A 4 17.22 5.83 -2.23
C GLY A 4 15.83 6.15 -1.70
N SER A 5 15.55 7.45 -1.54
CA SER A 5 14.25 7.89 -1.03
C SER A 5 13.43 8.54 -2.13
N SER A 6 12.55 7.74 -2.74
CA SER A 6 11.70 8.24 -3.81
C SER A 6 10.23 8.10 -3.44
N GLY A 7 9.53 9.24 -3.36
CA GLY A 7 8.12 9.23 -3.00
C GLY A 7 7.26 9.79 -4.11
N THR A 8 6.68 8.91 -4.93
CA THR A 8 5.82 9.33 -6.02
C THR A 8 4.35 9.15 -5.67
N GLY A 9 3.51 10.01 -6.21
CA GLY A 9 2.09 9.93 -5.95
C GLY A 9 1.61 11.03 -5.01
N GLU A 10 1.08 12.10 -5.58
CA GLU A 10 0.58 13.22 -4.79
C GLU A 10 -0.84 12.95 -4.29
N LYS A 11 -0.99 11.96 -3.42
CA LYS A 11 -2.28 11.60 -2.87
C LYS A 11 -2.28 11.73 -1.35
N PRO A 12 -3.48 11.85 -0.77
CA PRO A 12 -3.65 11.97 0.68
C PRO A 12 -3.32 10.68 1.41
N TYR A 13 -3.44 9.56 0.71
CA TYR A 13 -3.16 8.25 1.29
C TYR A 13 -2.03 7.54 0.53
N GLU A 14 -1.07 7.02 1.29
CA GLU A 14 0.06 6.32 0.68
C GLU A 14 0.50 5.16 1.56
N CYS A 15 0.55 3.97 0.97
CA CYS A 15 0.95 2.76 1.70
C CYS A 15 2.44 2.79 2.01
N SER A 16 2.82 2.23 3.15
CA SER A 16 4.22 2.19 3.56
C SER A 16 4.84 0.84 3.24
N ILE A 17 4.00 -0.20 3.18
CA ILE A 17 4.47 -1.54 2.88
C ILE A 17 5.05 -1.63 1.48
N CYS A 18 4.24 -1.28 0.48
CA CYS A 18 4.68 -1.30 -0.91
C CYS A 18 4.98 0.09 -1.41
N GLY A 19 4.10 1.04 -1.10
CA GLY A 19 4.28 2.40 -1.53
C GLY A 19 3.14 2.91 -2.40
N LYS A 20 2.05 2.14 -2.44
CA LYS A 20 0.88 2.51 -3.23
C LYS A 20 0.30 3.83 -2.74
N SER A 21 -0.65 4.36 -3.51
CA SER A 21 -1.30 5.62 -3.16
C SER A 21 -2.79 5.57 -3.49
N PHE A 22 -3.60 6.21 -2.65
CA PHE A 22 -5.05 6.24 -2.86
C PHE A 22 -5.62 7.59 -2.44
N THR A 23 -6.89 7.81 -2.76
CA THR A 23 -7.57 9.06 -2.41
C THR A 23 -8.84 8.79 -1.63
N LYS A 24 -8.95 7.60 -1.07
CA LYS A 24 -10.13 7.22 -0.29
C LYS A 24 -9.76 6.26 0.83
N LYS A 25 -9.93 6.71 2.08
CA LYS A 25 -9.61 5.89 3.24
C LYS A 25 -10.00 4.43 3.00
N SER A 26 -11.20 4.23 2.46
CA SER A 26 -11.69 2.89 2.18
C SER A 26 -10.77 2.16 1.21
N GLN A 27 -10.45 2.81 0.10
CA GLN A 27 -9.58 2.21 -0.90
C GLN A 27 -8.28 1.74 -0.28
N LEU A 28 -7.63 2.62 0.48
CA LEU A 28 -6.37 2.28 1.13
C LEU A 28 -6.55 1.11 2.08
N HIS A 29 -7.56 1.19 2.95
CA HIS A 29 -7.83 0.13 3.91
C HIS A 29 -7.98 -1.21 3.21
N VAL A 30 -8.77 -1.24 2.14
CA VAL A 30 -9.01 -2.46 1.38
C VAL A 30 -7.71 -2.95 0.73
N HIS A 31 -6.90 -2.01 0.25
CA HIS A 31 -5.65 -2.34 -0.40
C HIS A 31 -4.73 -3.11 0.55
N GLN A 32 -4.57 -2.59 1.76
CA GLN A 32 -3.72 -3.22 2.77
C GLN A 32 -3.94 -4.73 2.78
N GLN A 33 -5.17 -5.16 2.51
CA GLN A 33 -5.49 -6.58 2.49
C GLN A 33 -4.49 -7.36 1.64
N ILE A 34 -4.20 -6.82 0.45
CA ILE A 34 -3.25 -7.46 -0.46
C ILE A 34 -2.06 -8.03 0.30
N HIS A 35 -1.67 -7.34 1.37
CA HIS A 35 -0.53 -7.78 2.18
C HIS A 35 -0.98 -8.81 3.23
N THR A 36 -1.79 -9.76 2.81
CA THR A 36 -2.29 -10.80 3.70
C THR A 36 -1.60 -12.13 3.44
N GLY A 37 -0.30 -12.07 3.15
CA GLY A 37 0.46 -13.28 2.89
C GLY A 37 0.85 -14.01 4.16
N GLU A 38 0.99 -13.26 5.25
CA GLU A 38 1.37 -13.83 6.53
C GLU A 38 0.14 -14.34 7.28
N LYS A 39 -0.74 -15.04 6.58
CA LYS A 39 -1.94 -15.59 7.17
C LYS A 39 -2.43 -16.82 6.40
N PRO A 40 -2.77 -17.88 7.14
CA PRO A 40 -3.24 -19.14 6.55
C PRO A 40 -4.64 -18.98 5.94
N SER A 41 -4.84 -19.61 4.78
CA SER A 41 -6.12 -19.55 4.09
C SER A 41 -7.17 -20.38 4.82
N GLY A 42 -8.41 -19.88 4.82
CA GLY A 42 -9.49 -20.57 5.49
C GLY A 42 -10.80 -19.81 5.44
N PRO A 43 -11.05 -19.01 6.49
CA PRO A 43 -12.27 -18.20 6.58
C PRO A 43 -12.29 -17.05 5.57
N SER A 44 -11.11 -16.67 5.10
CA SER A 44 -11.00 -15.59 4.13
C SER A 44 -11.82 -15.89 2.88
N SER A 45 -12.61 -14.91 2.45
CA SER A 45 -13.44 -15.06 1.27
C SER A 45 -13.93 -13.71 0.77
N GLY A 46 -13.36 -13.25 -0.34
CA GLY A 46 -13.75 -11.96 -0.89
C GLY A 46 -13.12 -11.70 -2.25
ZN ZN B . 0.62 -1.66 0.03
N GLY A 1 14.98 6.09 -23.28
CA GLY A 1 15.30 7.11 -22.32
C GLY A 1 14.88 6.74 -20.90
N SER A 2 15.30 7.54 -19.93
CA SER A 2 14.96 7.28 -18.53
C SER A 2 14.26 8.49 -17.91
N SER A 3 12.96 8.34 -17.67
CA SER A 3 12.17 9.42 -17.08
C SER A 3 12.54 9.63 -15.61
N GLY A 4 12.94 10.85 -15.28
CA GLY A 4 13.31 11.17 -13.91
C GLY A 4 12.12 11.49 -13.03
N SER A 5 11.20 10.53 -12.89
CA SER A 5 10.01 10.72 -12.08
C SER A 5 10.13 10.00 -10.74
N SER A 6 10.41 10.77 -9.69
CA SER A 6 10.55 10.21 -8.35
C SER A 6 9.45 9.21 -8.07
N GLY A 7 8.21 9.58 -8.37
CA GLY A 7 7.08 8.71 -8.13
C GLY A 7 6.58 8.78 -6.71
N THR A 8 5.88 9.87 -6.38
CA THR A 8 5.36 10.05 -5.04
C THR A 8 3.84 10.08 -5.05
N GLY A 9 3.26 10.33 -6.22
CA GLY A 9 1.81 10.38 -6.34
C GLY A 9 1.16 11.15 -5.21
N GLU A 10 1.13 12.47 -5.35
CA GLU A 10 0.53 13.33 -4.33
C GLU A 10 -0.86 12.81 -3.94
N LYS A 11 -0.94 12.17 -2.78
CA LYS A 11 -2.20 11.63 -2.29
C LYS A 11 -2.22 11.62 -0.77
N PRO A 12 -3.42 11.82 -0.19
CA PRO A 12 -3.60 11.83 1.26
C PRO A 12 -3.44 10.44 1.87
N TYR A 13 -3.57 9.41 1.04
CA TYR A 13 -3.45 8.04 1.50
C TYR A 13 -2.37 7.30 0.71
N GLU A 14 -1.36 6.79 1.42
CA GLU A 14 -0.27 6.06 0.78
C GLU A 14 0.06 4.80 1.56
N CYS A 15 0.49 3.76 0.83
CA CYS A 15 0.84 2.49 1.45
C CYS A 15 2.28 2.50 1.95
N SER A 16 2.47 2.22 3.22
CA SER A 16 3.80 2.19 3.82
C SER A 16 4.45 0.81 3.67
N ILE A 17 3.87 -0.01 2.80
CA ILE A 17 4.38 -1.35 2.56
C ILE A 17 5.00 -1.48 1.17
N CYS A 18 4.17 -1.26 0.15
CA CYS A 18 4.64 -1.35 -1.24
C CYS A 18 4.92 0.04 -1.80
N GLY A 19 4.01 0.97 -1.56
CA GLY A 19 4.18 2.33 -2.05
C GLY A 19 2.94 2.86 -2.75
N LYS A 20 2.04 1.96 -3.11
CA LYS A 20 0.81 2.35 -3.78
C LYS A 20 0.19 3.57 -3.12
N SER A 21 -0.60 4.33 -3.89
CA SER A 21 -1.25 5.52 -3.36
C SER A 21 -2.73 5.55 -3.75
N PHE A 22 -3.56 6.02 -2.83
CA PHE A 22 -5.00 6.10 -3.07
C PHE A 22 -5.55 7.45 -2.64
N THR A 23 -6.76 7.76 -3.08
CA THR A 23 -7.41 9.03 -2.75
C THR A 23 -8.67 8.80 -1.93
N LYS A 24 -8.79 7.61 -1.33
CA LYS A 24 -9.95 7.27 -0.53
C LYS A 24 -9.55 6.36 0.63
N LYS A 25 -9.76 6.83 1.85
CA LYS A 25 -9.43 6.04 3.04
C LYS A 25 -9.86 4.60 2.88
N SER A 26 -11.03 4.40 2.28
CA SER A 26 -11.57 3.05 2.06
C SER A 26 -10.70 2.28 1.07
N GLN A 27 -10.23 2.97 0.04
CA GLN A 27 -9.41 2.35 -0.98
C GLN A 27 -8.13 1.77 -0.37
N LEU A 28 -7.49 2.55 0.49
CA LEU A 28 -6.26 2.13 1.15
C LEU A 28 -6.54 0.98 2.12
N HIS A 29 -7.52 1.17 2.99
CA HIS A 29 -7.88 0.15 3.97
C HIS A 29 -8.05 -1.21 3.29
N VAL A 30 -8.76 -1.23 2.17
CA VAL A 30 -9.00 -2.46 1.43
C VAL A 30 -7.72 -2.97 0.77
N HIS A 31 -6.90 -2.03 0.31
CA HIS A 31 -5.64 -2.37 -0.33
C HIS A 31 -4.70 -3.08 0.63
N GLN A 32 -4.63 -2.57 1.86
CA GLN A 32 -3.76 -3.17 2.87
C GLN A 32 -3.97 -4.68 2.95
N GLN A 33 -5.15 -5.13 2.57
CA GLN A 33 -5.48 -6.55 2.60
C GLN A 33 -4.46 -7.35 1.78
N ILE A 34 -3.98 -6.75 0.69
CA ILE A 34 -3.00 -7.40 -0.17
C ILE A 34 -1.71 -7.70 0.58
N HIS A 35 -1.58 -7.11 1.76
CA HIS A 35 -0.38 -7.32 2.58
C HIS A 35 -0.76 -7.90 3.95
N THR A 36 -1.60 -8.93 3.93
CA THR A 36 -2.04 -9.58 5.16
C THR A 36 -1.56 -11.02 5.22
N GLY A 37 -0.34 -11.26 4.75
CA GLY A 37 0.23 -12.60 4.77
C GLY A 37 0.99 -12.92 3.49
N GLU A 38 1.66 -14.07 3.49
CA GLU A 38 2.43 -14.49 2.32
C GLU A 38 1.82 -15.72 1.68
N LYS A 39 1.11 -15.52 0.58
CA LYS A 39 0.46 -16.60 -0.15
C LYS A 39 1.48 -17.38 -0.97
N PRO A 40 1.28 -18.70 -1.07
CA PRO A 40 2.17 -19.58 -1.84
C PRO A 40 2.07 -19.35 -3.34
N SER A 41 2.86 -18.43 -3.86
CA SER A 41 2.85 -18.10 -5.27
C SER A 41 4.25 -18.24 -5.88
N GLY A 42 4.34 -18.92 -7.01
CA GLY A 42 5.62 -19.10 -7.67
C GLY A 42 5.73 -20.46 -8.34
N PRO A 43 6.70 -20.59 -9.26
CA PRO A 43 6.93 -21.83 -10.00
C PRO A 43 7.49 -22.94 -9.11
N SER A 44 8.06 -22.55 -7.98
CA SER A 44 8.64 -23.51 -7.04
C SER A 44 7.82 -24.80 -7.02
N SER A 45 8.51 -25.93 -6.86
CA SER A 45 7.86 -27.23 -6.83
C SER A 45 6.93 -27.39 -8.02
N GLY A 46 7.43 -27.09 -9.22
CA GLY A 46 6.64 -27.21 -10.42
C GLY A 46 6.12 -28.62 -10.63
ZN ZN B . 0.51 -1.86 -0.44
N GLY A 1 19.49 5.11 -13.22
CA GLY A 1 18.25 5.42 -12.53
C GLY A 1 17.85 6.88 -12.69
N SER A 2 17.65 7.56 -11.57
CA SER A 2 17.26 8.97 -11.59
C SER A 2 15.91 9.14 -12.27
N SER A 3 14.98 8.25 -11.96
CA SER A 3 13.64 8.29 -12.54
C SER A 3 12.57 8.19 -11.47
N GLY A 4 11.41 8.78 -11.73
CA GLY A 4 10.32 8.73 -10.76
C GLY A 4 8.97 8.84 -11.43
N SER A 5 8.03 7.96 -11.04
CA SER A 5 6.70 7.96 -11.60
C SER A 5 5.80 8.96 -10.89
N SER A 6 5.85 8.94 -9.56
CA SER A 6 5.04 9.85 -8.75
C SER A 6 5.14 11.28 -9.28
N GLY A 7 4.09 12.07 -9.02
CA GLY A 7 4.09 13.45 -9.48
C GLY A 7 2.78 14.15 -9.18
N THR A 8 2.54 15.27 -9.86
CA THR A 8 1.31 16.03 -9.66
C THR A 8 1.03 16.25 -8.18
N GLY A 9 2.09 16.50 -7.40
CA GLY A 9 1.93 16.72 -5.98
C GLY A 9 2.14 15.46 -5.17
N GLU A 10 1.29 15.25 -4.16
CA GLU A 10 1.39 14.07 -3.32
C GLU A 10 0.02 13.62 -2.85
N LYS A 11 -0.36 12.39 -3.20
CA LYS A 11 -1.64 11.84 -2.82
C LYS A 11 -1.86 11.93 -1.32
N PRO A 12 -3.13 11.90 -0.90
CA PRO A 12 -3.49 11.97 0.52
C PRO A 12 -3.10 10.72 1.29
N TYR A 13 -3.47 9.56 0.76
CA TYR A 13 -3.16 8.29 1.40
C TYR A 13 -2.07 7.55 0.64
N GLU A 14 -1.14 6.95 1.37
CA GLU A 14 -0.03 6.21 0.77
C GLU A 14 0.28 4.95 1.56
N CYS A 15 0.55 3.86 0.86
CA CYS A 15 0.87 2.59 1.50
C CYS A 15 2.36 2.48 1.81
N SER A 16 2.68 2.41 3.09
CA SER A 16 4.07 2.32 3.52
C SER A 16 4.55 0.87 3.50
N ILE A 17 4.01 0.09 2.58
CA ILE A 17 4.37 -1.32 2.46
C ILE A 17 4.96 -1.62 1.08
N CYS A 18 4.13 -1.48 0.05
CA CYS A 18 4.56 -1.72 -1.32
C CYS A 18 4.91 -0.42 -2.02
N GLY A 19 4.08 0.59 -1.84
CA GLY A 19 4.34 1.88 -2.46
C GLY A 19 3.17 2.34 -3.31
N LYS A 20 1.96 2.04 -2.87
CA LYS A 20 0.75 2.44 -3.60
C LYS A 20 0.15 3.72 -3.02
N SER A 21 -0.73 4.34 -3.78
CA SER A 21 -1.38 5.57 -3.35
C SER A 21 -2.87 5.55 -3.68
N PHE A 22 -3.69 5.95 -2.72
CA PHE A 22 -5.13 5.97 -2.89
C PHE A 22 -5.71 7.33 -2.49
N THR A 23 -6.93 7.60 -2.92
CA THR A 23 -7.60 8.86 -2.62
C THR A 23 -8.89 8.62 -1.82
N LYS A 24 -9.00 7.44 -1.22
CA LYS A 24 -10.18 7.10 -0.44
C LYS A 24 -9.82 6.11 0.67
N LYS A 25 -9.93 6.58 1.92
CA LYS A 25 -9.61 5.74 3.07
C LYS A 25 -10.10 4.31 2.86
N SER A 26 -11.29 4.18 2.30
CA SER A 26 -11.88 2.87 2.04
C SER A 26 -11.03 2.08 1.05
N GLN A 27 -10.64 2.73 -0.04
CA GLN A 27 -9.83 2.08 -1.06
C GLN A 27 -8.51 1.57 -0.48
N LEU A 28 -7.88 2.41 0.33
CA LEU A 28 -6.61 2.04 0.96
C LEU A 28 -6.81 0.88 1.93
N HIS A 29 -7.84 0.96 2.75
CA HIS A 29 -8.15 -0.09 3.72
C HIS A 29 -8.22 -1.45 3.04
N VAL A 30 -8.95 -1.51 1.93
CA VAL A 30 -9.10 -2.76 1.18
C VAL A 30 -7.79 -3.17 0.53
N HIS A 31 -6.84 -2.24 0.48
CA HIS A 31 -5.54 -2.50 -0.12
C HIS A 31 -4.58 -3.06 0.91
N GLN A 32 -4.63 -2.53 2.13
CA GLN A 32 -3.76 -2.99 3.20
C GLN A 32 -3.86 -4.49 3.40
N GLN A 33 -5.04 -5.04 3.12
CA GLN A 33 -5.28 -6.47 3.27
C GLN A 33 -4.47 -7.26 2.24
N ILE A 34 -4.07 -6.59 1.17
CA ILE A 34 -3.29 -7.22 0.12
C ILE A 34 -1.92 -7.66 0.63
N HIS A 35 -1.56 -7.18 1.81
CA HIS A 35 -0.28 -7.51 2.41
C HIS A 35 -0.48 -8.23 3.75
N THR A 36 -1.47 -9.12 3.81
CA THR A 36 -1.76 -9.86 5.02
C THR A 36 -1.33 -11.32 4.88
N GLY A 37 -0.92 -11.92 5.99
CA GLY A 37 -0.49 -13.30 5.97
C GLY A 37 -1.65 -14.28 5.93
N GLU A 38 -2.33 -14.33 4.79
CA GLU A 38 -3.47 -15.22 4.62
C GLU A 38 -3.29 -16.11 3.39
N LYS A 39 -2.56 -17.20 3.55
CA LYS A 39 -2.32 -18.13 2.45
C LYS A 39 -1.80 -17.40 1.22
N PRO A 40 -0.71 -16.63 1.40
CA PRO A 40 -0.08 -15.87 0.32
C PRO A 40 0.58 -16.76 -0.72
N SER A 41 1.13 -16.16 -1.75
CA SER A 41 1.81 -16.90 -2.82
C SER A 41 3.19 -16.32 -3.08
N GLY A 42 4.06 -17.15 -3.67
CA GLY A 42 5.41 -16.70 -3.98
C GLY A 42 5.48 -15.90 -5.26
N PRO A 43 6.39 -14.92 -5.29
CA PRO A 43 6.58 -14.06 -6.47
C PRO A 43 7.20 -14.80 -7.64
N SER A 44 6.41 -15.02 -8.69
CA SER A 44 6.88 -15.73 -9.88
C SER A 44 7.95 -14.92 -10.59
N SER A 45 9.01 -15.59 -11.03
CA SER A 45 10.10 -14.94 -11.74
C SER A 45 9.57 -14.07 -12.87
N GLY A 46 10.20 -12.92 -13.07
CA GLY A 46 9.79 -12.01 -14.12
C GLY A 46 10.94 -11.54 -14.98
ZN ZN B . 0.46 -1.80 -0.41
#